data_1X8L
#
_entry.id   1X8L
#
_cell.length_a   82.506
_cell.length_b   67.192
_cell.length_c   85.066
_cell.angle_alpha   90.00
_cell.angle_beta   111.85
_cell.angle_gamma   90.00
#
_symmetry.space_group_name_H-M   'P 1 21 1'
#
loop_
_entity.id
_entity.type
_entity.pdbx_description
1 polymer 'retinol dehydratase'
2 non-polymer 'MERCURY (II) ION'
3 non-polymer 'CALCIUM ION'
4 non-polymer 4-OXORETINOL
5 non-polymer "ADENOSINE-3'-5'-DIPHOSPHATE"
6 water water
#
_entity_poly.entity_id   1
_entity_poly.type   'polypeptide(L)'
_entity_poly.pdbx_seq_one_letter_code
;MEKQQDLPFPYEFRELNPEEDKLVKANLGAFPTTYVKLGPKGYMVYRPYLKDAANIYNMPLRPTDVFVASYQRSGTTMTQ
ELVWLIENDLNFEAAKTYMSLRYIYLDGFMIYDPEKQEEYNDILPNPENLDMERYLGLLEYSSRPGSSLLAAVPPTEKRF
VKTHLPLSLMPPNMLDTVKMVYLARDPRDVAVSSFHHARLLYLLNKQSNFKDFWEMFHRGLYTLTPYFEHVKEAWAKRHD
PNMLFLFYEDYLKDLPGSIARIADFLGKKLSEEQIQRLSEHLNFEKFKNNGAVNMEDYREIGILADGEHFIRKGKAGCWR
DYFDEEMTKQAEKWIKDNLKDTDLRYPNMEL
;
_entity_poly.pdbx_strand_id   A,B
#
loop_
_chem_comp.id
_chem_comp.type
_chem_comp.name
_chem_comp.formula
A3P RNA linking ADENOSINE-3'-5'-DIPHOSPHATE 'C10 H15 N5 O10 P2'
CA non-polymer 'CALCIUM ION' 'Ca 2'
HG non-polymer 'MERCURY (II) ION' 'Hg 2'
OXR non-polymer 4-OXORETINOL 'C20 H28 O2'
#
# COMPACT_ATOMS: atom_id res chain seq x y z
N PRO A 8 16.94 28.98 -19.34
CA PRO A 8 15.65 29.01 -20.12
C PRO A 8 14.92 27.65 -20.09
N PHE A 9 14.80 27.07 -18.90
CA PHE A 9 14.27 25.72 -18.73
C PHE A 9 12.72 25.67 -18.86
N PRO A 10 12.20 24.95 -19.85
CA PRO A 10 10.78 25.06 -20.23
C PRO A 10 9.79 24.25 -19.40
N TYR A 11 10.27 23.33 -18.55
CA TYR A 11 9.37 22.40 -17.85
C TYR A 11 9.06 22.81 -16.42
N GLU A 12 7.85 22.50 -15.97
CA GLU A 12 7.48 22.53 -14.56
C GLU A 12 7.64 21.13 -13.99
N PHE A 13 7.60 21.02 -12.67
CA PHE A 13 7.43 19.73 -11.97
C PHE A 13 6.21 19.79 -11.06
N ARG A 14 5.70 18.61 -10.71
CA ARG A 14 4.64 18.52 -9.70
C ARG A 14 4.87 17.37 -8.74
N GLU A 15 4.26 17.49 -7.59
CA GLU A 15 4.29 16.50 -6.55
C GLU A 15 3.43 15.32 -6.96
N LEU A 16 3.79 14.13 -6.45
CA LEU A 16 2.93 12.95 -6.57
C LEU A 16 1.62 13.16 -5.82
N ASN A 17 0.53 12.65 -6.40
CA ASN A 17 -0.80 12.68 -5.80
C ASN A 17 -0.89 11.50 -4.83
N PRO A 18 -1.97 11.38 -4.06
CA PRO A 18 -2.07 10.27 -3.10
C PRO A 18 -1.98 8.85 -3.67
N GLU A 19 -2.68 8.52 -4.75
CA GLU A 19 -2.65 7.16 -5.31
C GLU A 19 -1.20 6.81 -5.75
N GLU A 20 -0.54 7.80 -6.34
CA GLU A 20 0.82 7.64 -6.81
C GLU A 20 1.81 7.48 -5.65
N ASP A 21 1.64 8.28 -4.61
CA ASP A 21 2.50 8.21 -3.42
C ASP A 21 2.41 6.83 -2.75
N LYS A 22 1.22 6.26 -2.73
CA LYS A 22 0.95 4.99 -2.06
C LYS A 22 1.61 3.82 -2.81
N LEU A 23 1.50 3.81 -4.12
CA LEU A 23 2.21 2.81 -4.90
C LEU A 23 3.72 2.94 -4.75
N VAL A 24 4.23 4.17 -4.73
CA VAL A 24 5.65 4.40 -4.60
C VAL A 24 6.15 3.98 -3.20
N LYS A 25 5.43 4.40 -2.17
CA LYS A 25 5.81 4.12 -0.78
C LYS A 25 5.92 2.62 -0.54
N ALA A 26 5.02 1.86 -1.17
CA ALA A 26 4.96 0.43 -0.95
C ALA A 26 6.20 -0.28 -1.48
N ASN A 27 6.87 0.33 -2.46
CA ASN A 27 8.17 -0.13 -2.90
C ASN A 27 9.35 0.60 -2.25
N LEU A 28 9.31 1.93 -2.22
CA LEU A 28 10.48 2.75 -1.83
C LEU A 28 10.17 3.69 -0.68
N GLY A 29 9.42 3.23 0.32
CA GLY A 29 8.93 4.13 1.37
C GLY A 29 9.98 4.52 2.38
N ALA A 30 10.89 3.61 2.63
CA ALA A 30 12.00 3.83 3.53
C ALA A 30 13.06 4.76 2.89
N PHE A 31 13.41 4.52 1.63
CA PHE A 31 14.47 5.28 0.94
C PHE A 31 14.30 6.79 1.08
N PRO A 32 15.33 7.49 1.56
CA PRO A 32 15.20 8.94 1.80
C PRO A 32 14.92 9.81 0.58
N THR A 33 15.46 9.51 -0.58
CA THR A 33 15.26 10.37 -1.77
C THR A 33 13.86 10.23 -2.38
N THR A 34 13.04 11.29 -2.36
CA THR A 34 11.69 11.21 -2.94
C THR A 34 11.70 11.67 -4.38
N TYR A 35 10.57 11.50 -5.08
CA TYR A 35 10.43 11.77 -6.50
C TYR A 35 9.57 13.00 -6.78
N VAL A 36 9.79 13.62 -7.93
CA VAL A 36 8.78 14.46 -8.57
C VAL A 36 8.62 14.08 -10.03
N LYS A 37 7.50 14.54 -10.61
CA LYS A 37 7.19 14.35 -12.02
C LYS A 37 7.56 15.62 -12.79
N LEU A 38 8.34 15.46 -13.84
CA LEU A 38 9.00 16.56 -14.52
C LEU A 38 8.53 16.66 -15.97
N GLY A 39 7.87 17.77 -16.29
CA GLY A 39 7.50 18.13 -17.66
C GLY A 39 6.18 17.49 -18.03
N PRO A 40 5.71 17.71 -19.25
CA PRO A 40 4.36 17.25 -19.64
C PRO A 40 4.21 15.71 -19.71
N LYS A 41 5.28 14.98 -19.93
CA LYS A 41 5.26 13.51 -19.83
C LYS A 41 5.34 12.94 -18.41
N GLY A 42 5.57 13.78 -17.41
CA GLY A 42 5.72 13.36 -16.03
C GLY A 42 6.84 12.35 -15.77
N TYR A 43 8.02 12.57 -16.39
CA TYR A 43 9.21 11.79 -16.05
C TYR A 43 9.53 11.84 -14.56
N MET A 44 9.75 10.66 -13.97
CA MET A 44 10.12 10.52 -12.57
C MET A 44 11.58 10.83 -12.31
N VAL A 45 11.87 11.92 -11.64
CA VAL A 45 13.24 12.22 -11.22
C VAL A 45 13.31 12.31 -9.71
N TYR A 46 14.43 11.89 -9.14
CA TYR A 46 14.62 12.08 -7.73
C TYR A 46 14.77 13.59 -7.51
N ARG A 47 14.24 14.09 -6.40
CA ARG A 47 14.13 15.54 -6.17
C ARG A 47 15.43 16.35 -6.42
N PRO A 48 16.57 15.88 -5.94
CA PRO A 48 17.82 16.60 -6.15
C PRO A 48 18.13 16.87 -7.63
N TYR A 49 17.51 16.18 -8.57
CA TYR A 49 17.71 16.49 -9.98
C TYR A 49 17.36 17.95 -10.35
N LEU A 50 16.43 18.56 -9.65
CA LEU A 50 15.90 19.89 -10.02
C LEU A 50 16.92 21.02 -9.93
N LYS A 51 17.87 20.89 -8.99
CA LYS A 51 18.96 21.84 -8.78
C LYS A 51 19.93 21.94 -9.99
N ASP A 52 20.02 20.85 -10.78
CA ASP A 52 20.89 20.80 -11.95
C ASP A 52 20.13 20.70 -13.27
N ALA A 53 18.80 20.73 -13.24
CA ALA A 53 18.03 20.38 -14.44
C ALA A 53 18.24 21.36 -15.59
N ALA A 54 18.23 22.66 -15.26
CA ALA A 54 18.47 23.71 -16.23
C ALA A 54 19.92 23.71 -16.75
N ASN A 55 20.88 23.40 -15.89
CA ASN A 55 22.26 23.30 -16.35
C ASN A 55 22.45 22.16 -17.37
N ILE A 56 21.76 21.04 -17.16
CA ILE A 56 21.87 19.89 -18.05
C ILE A 56 21.17 20.23 -19.36
N TYR A 57 20.02 20.86 -19.30
CA TYR A 57 19.31 21.33 -20.50
C TYR A 57 20.15 22.27 -21.39
N ASN A 58 21.06 23.05 -20.78
CA ASN A 58 21.94 23.97 -21.50
C ASN A 58 23.44 23.60 -21.51
N MET A 59 23.79 22.36 -21.18
CA MET A 59 25.18 21.94 -21.05
C MET A 59 25.97 22.14 -22.36
N PRO A 60 27.12 22.82 -22.29
CA PRO A 60 27.98 22.93 -23.48
C PRO A 60 28.42 21.55 -23.96
N LEU A 61 28.21 21.29 -25.23
CA LEU A 61 28.63 20.02 -25.81
C LEU A 61 29.76 20.27 -26.78
N ARG A 62 30.45 19.21 -27.18
CA ARG A 62 31.67 19.32 -27.99
C ARG A 62 31.62 18.21 -29.05
N PRO A 63 32.19 18.47 -30.24
CA PRO A 63 32.08 17.53 -31.36
C PRO A 63 32.64 16.12 -31.13
N THR A 64 33.63 15.95 -30.25
CA THR A 64 34.17 14.62 -29.93
C THR A 64 33.38 13.89 -28.81
N ASP A 65 32.43 14.56 -28.14
CA ASP A 65 31.56 13.86 -27.13
C ASP A 65 30.88 12.62 -27.71
N VAL A 66 30.92 11.54 -26.96
CA VAL A 66 30.09 10.39 -27.28
C VAL A 66 29.22 10.03 -26.05
N PHE A 67 27.95 9.78 -26.31
CA PHE A 67 26.96 9.44 -25.28
C PHE A 67 26.45 8.03 -25.49
N VAL A 68 26.28 7.31 -24.37
CA VAL A 68 25.58 6.05 -24.32
C VAL A 68 24.39 6.29 -23.40
N ALA A 69 23.19 6.21 -23.99
CA ALA A 69 21.93 6.52 -23.33
C ALA A 69 21.00 5.31 -23.37
N SER A 70 20.11 5.22 -22.39
CA SER A 70 19.16 4.13 -22.27
C SER A 70 18.24 4.40 -21.10
N TYR A 71 17.03 3.84 -21.15
CA TYR A 71 16.34 3.50 -19.91
C TYR A 71 17.21 2.39 -19.26
N GLN A 72 17.44 2.49 -17.96
CA GLN A 72 18.35 1.61 -17.24
C GLN A 72 18.04 0.11 -17.40
N ARG A 73 19.08 -0.67 -17.24
CA ARG A 73 19.05 -2.13 -17.31
C ARG A 73 18.73 -2.65 -18.70
N SER A 74 19.19 -1.93 -19.73
CA SER A 74 18.84 -2.21 -21.12
C SER A 74 20.08 -2.50 -21.96
N GLY A 75 21.25 -2.68 -21.32
CA GLY A 75 22.52 -2.93 -22.01
C GLY A 75 23.52 -1.77 -22.05
N THR A 76 23.36 -0.80 -21.15
CA THR A 76 24.29 0.35 -21.10
C THR A 76 25.78 -0.05 -20.90
N THR A 77 26.04 -0.89 -19.91
CA THR A 77 27.42 -1.21 -19.51
C THR A 77 28.18 -1.91 -20.62
N MET A 78 27.52 -2.87 -21.29
CA MET A 78 28.06 -3.58 -22.45
C MET A 78 28.46 -2.58 -23.51
N THR A 79 27.56 -1.65 -23.80
CA THR A 79 27.72 -0.69 -24.86
C THR A 79 28.87 0.27 -24.55
N GLN A 80 28.87 0.78 -23.33
CA GLN A 80 29.97 1.59 -22.81
C GLN A 80 31.33 1.00 -23.10
N GLU A 81 31.52 -0.27 -22.76
CA GLU A 81 32.78 -0.96 -22.99
C GLU A 81 33.11 -1.03 -24.47
N LEU A 82 32.12 -1.39 -25.27
CA LEU A 82 32.31 -1.56 -26.71
C LEU A 82 32.75 -0.24 -27.33
N VAL A 83 32.01 0.82 -27.03
CA VAL A 83 32.25 2.14 -27.56
C VAL A 83 33.60 2.67 -27.07
N TRP A 84 33.92 2.45 -25.80
CA TRP A 84 35.22 2.91 -25.28
C TRP A 84 36.40 2.25 -25.98
N LEU A 85 36.37 0.93 -26.06
CA LEU A 85 37.41 0.16 -26.71
C LEU A 85 37.55 0.52 -28.18
N ILE A 86 36.42 0.62 -28.88
CA ILE A 86 36.45 0.96 -30.31
C ILE A 86 37.05 2.34 -30.57
N GLU A 87 36.63 3.32 -29.78
CA GLU A 87 37.21 4.68 -29.85
C GLU A 87 38.71 4.73 -29.44
N ASN A 88 39.13 3.83 -28.57
CA ASN A 88 40.52 3.78 -28.09
C ASN A 88 41.37 2.69 -28.74
N ASP A 89 41.10 2.41 -30.03
CA ASP A 89 41.95 1.51 -30.83
C ASP A 89 42.19 0.15 -30.17
N LEU A 90 41.12 -0.43 -29.68
CA LEU A 90 41.11 -1.71 -28.98
C LEU A 90 42.22 -1.84 -27.92
N ASN A 91 42.49 -0.75 -27.19
CA ASN A 91 43.51 -0.77 -26.13
C ASN A 91 42.96 -1.42 -24.85
N PHE A 92 43.02 -2.75 -24.79
CA PHE A 92 42.40 -3.52 -23.71
C PHE A 92 43.05 -3.25 -22.35
N GLU A 93 44.34 -2.94 -22.37
CA GLU A 93 45.11 -2.61 -21.17
C GLU A 93 44.53 -1.34 -20.51
N ALA A 94 44.46 -0.27 -21.28
CA ALA A 94 43.84 0.97 -20.86
C ALA A 94 42.40 0.83 -20.33
N ALA A 95 41.64 -0.15 -20.83
CA ALA A 95 40.24 -0.37 -20.43
C ALA A 95 40.07 -1.12 -19.10
N LYS A 96 41.18 -1.59 -18.52
CA LYS A 96 41.18 -2.19 -17.18
C LYS A 96 40.90 -1.20 -16.04
N THR A 97 40.97 0.11 -16.31
CA THR A 97 40.51 1.09 -15.33
C THR A 97 38.98 1.01 -15.17
N TYR A 98 38.46 1.30 -13.98
CA TYR A 98 37.00 1.28 -13.71
C TYR A 98 36.22 2.10 -14.74
N MET A 99 35.10 1.53 -15.19
CA MET A 99 34.17 2.20 -16.07
C MET A 99 33.74 3.55 -15.53
N SER A 100 33.60 3.62 -14.20
CA SER A 100 33.09 4.83 -13.54
C SER A 100 34.12 5.96 -13.53
N LEU A 101 35.36 5.66 -13.88
CA LEU A 101 36.38 6.69 -14.15
C LEU A 101 36.52 6.99 -15.65
N ARG A 102 35.94 6.14 -16.49
CA ARG A 102 36.06 6.28 -17.95
C ARG A 102 34.88 6.98 -18.57
N TYR A 103 33.74 6.95 -17.89
CA TYR A 103 32.54 7.65 -18.29
C TYR A 103 32.09 8.55 -17.18
N ILE A 104 31.50 9.66 -17.58
CA ILE A 104 30.79 10.51 -16.66
C ILE A 104 29.34 10.06 -16.65
N TYR A 105 28.80 9.85 -15.45
CA TYR A 105 27.41 9.44 -15.27
C TYR A 105 26.60 10.70 -15.05
N LEU A 106 26.01 11.22 -16.13
CA LEU A 106 25.40 12.56 -16.11
C LEU A 106 24.35 12.73 -15.00
N ASP A 107 23.51 11.71 -14.80
CA ASP A 107 22.37 11.78 -13.89
C ASP A 107 22.52 10.91 -12.64
N GLY A 108 23.73 10.45 -12.36
CA GLY A 108 24.01 9.62 -11.18
C GLY A 108 23.81 10.30 -9.84
N PHE A 109 24.09 11.61 -9.83
CA PHE A 109 23.97 12.45 -8.65
C PHE A 109 22.57 12.46 -8.03
N MET A 110 21.51 12.45 -8.84
CA MET A 110 20.18 12.79 -8.34
C MET A 110 19.65 11.90 -7.21
N ILE A 111 20.16 10.67 -7.13
CA ILE A 111 19.71 9.68 -6.16
C ILE A 111 20.07 10.01 -4.74
N TYR A 112 21.09 10.85 -4.55
CA TYR A 112 21.54 11.32 -3.25
C TYR A 112 21.15 12.78 -2.98
N ASP A 113 20.50 12.99 -1.85
CA ASP A 113 20.20 14.31 -1.32
C ASP A 113 21.14 14.57 -0.15
N PRO A 114 22.09 15.52 -0.27
CA PRO A 114 23.09 15.74 0.80
C PRO A 114 22.48 16.20 2.11
N GLU A 115 21.27 16.76 2.03
CA GLU A 115 20.44 17.16 3.18
C GLU A 115 20.00 15.99 4.06
N LYS A 116 20.05 14.77 3.53
CA LYS A 116 19.57 13.59 4.21
C LYS A 116 20.70 12.57 4.48
N GLN A 117 21.95 13.05 4.56
CA GLN A 117 23.13 12.19 4.69
C GLN A 117 22.90 11.11 5.76
N GLU A 118 22.34 11.50 6.89
CA GLU A 118 22.21 10.61 8.04
C GLU A 118 21.30 9.45 7.71
N GLU A 119 20.24 9.76 6.98
CA GLU A 119 19.22 8.76 6.66
C GLU A 119 19.73 7.62 5.74
N TYR A 120 20.70 7.89 4.84
CA TYR A 120 21.17 6.88 3.90
C TYR A 120 21.81 5.65 4.54
N ASN A 121 22.63 5.79 5.57
CA ASN A 121 23.22 4.57 6.11
C ASN A 121 22.37 3.89 7.20
N ASP A 122 21.22 4.46 7.55
CA ASP A 122 20.18 3.73 8.32
C ASP A 122 19.55 2.60 7.48
N ILE A 123 19.64 2.75 6.16
CA ILE A 123 19.14 1.77 5.20
C ILE A 123 19.98 0.47 5.15
N LEU A 124 21.22 0.52 5.63
CA LEU A 124 22.09 -0.67 5.57
C LEU A 124 21.89 -1.53 6.81
N PRO A 125 21.98 -2.86 6.66
CA PRO A 125 21.84 -3.77 7.79
C PRO A 125 23.10 -3.81 8.68
N ASN A 126 24.24 -3.41 8.12
CA ASN A 126 25.49 -3.42 8.87
C ASN A 126 26.33 -2.14 8.61
N PRO A 127 25.80 -0.98 9.03
CA PRO A 127 26.48 0.31 8.84
C PRO A 127 27.91 0.38 9.41
N GLU A 128 28.15 -0.29 10.53
CA GLU A 128 29.46 -0.33 11.20
C GLU A 128 30.60 -0.97 10.39
N ASN A 129 30.24 -1.79 9.39
CA ASN A 129 31.21 -2.48 8.52
C ASN A 129 31.57 -1.74 7.23
N LEU A 130 31.15 -0.49 7.14
CA LEU A 130 31.45 0.33 5.99
C LEU A 130 32.90 0.74 6.06
N ASP A 131 33.57 0.72 4.91
CA ASP A 131 34.83 1.44 4.76
C ASP A 131 34.39 2.91 4.67
N MET A 132 34.58 3.66 5.75
CA MET A 132 33.95 4.99 5.88
C MET A 132 34.65 6.04 5.01
N GLU A 133 35.97 5.93 4.86
CA GLU A 133 36.72 6.82 3.99
C GLU A 133 36.18 6.73 2.54
N ARG A 134 35.93 5.52 2.05
CA ARG A 134 35.45 5.37 0.67
C ARG A 134 33.95 5.75 0.56
N TYR A 135 33.19 5.48 1.63
CA TYR A 135 31.77 5.81 1.67
C TYR A 135 31.58 7.32 1.65
N LEU A 136 32.27 8.03 2.54
CA LEU A 136 32.23 9.50 2.58
C LEU A 136 32.74 10.10 1.26
N GLY A 137 33.75 9.43 0.68
CA GLY A 137 34.31 9.84 -0.60
C GLY A 137 33.28 9.69 -1.69
N LEU A 138 32.51 8.61 -1.61
CA LEU A 138 31.41 8.39 -2.53
C LEU A 138 30.26 9.40 -2.37
N LEU A 139 29.87 9.70 -1.14
CA LEU A 139 28.83 10.70 -0.86
C LEU A 139 29.23 12.09 -1.41
N GLU A 140 30.46 12.50 -1.16
CA GLU A 140 30.94 13.77 -1.66
C GLU A 140 30.95 13.85 -3.20
N TYR A 141 31.43 12.79 -3.87
CA TYR A 141 31.36 12.73 -5.34
C TYR A 141 29.92 12.89 -5.85
N SER A 142 28.97 12.26 -5.15
CA SER A 142 27.57 12.23 -5.56
C SER A 142 26.83 13.54 -5.28
N SER A 143 27.45 14.40 -4.49
CA SER A 143 26.94 15.72 -4.19
C SER A 143 27.19 16.64 -5.37
N ARG A 144 28.12 16.24 -6.25
CA ARG A 144 28.54 17.09 -7.36
C ARG A 144 27.56 16.89 -8.54
N PRO A 145 26.92 17.97 -8.98
CA PRO A 145 25.97 17.85 -10.08
C PRO A 145 26.66 17.36 -11.36
N GLY A 146 25.93 16.57 -12.13
CA GLY A 146 26.48 15.98 -13.37
C GLY A 146 26.98 16.98 -14.39
N SER A 147 26.34 18.13 -14.49
CA SER A 147 26.75 19.14 -15.43
C SER A 147 28.16 19.64 -15.12
N SER A 148 28.46 19.81 -13.84
CA SER A 148 29.78 20.29 -13.41
C SER A 148 30.85 19.22 -13.60
N LEU A 149 30.46 17.95 -13.48
CA LEU A 149 31.36 16.85 -13.81
C LEU A 149 31.73 16.87 -15.27
N LEU A 150 30.73 17.06 -16.12
CA LEU A 150 30.97 17.03 -17.56
C LEU A 150 31.95 18.13 -17.93
N ALA A 151 31.70 19.32 -17.39
CA ALA A 151 32.44 20.53 -17.73
C ALA A 151 33.88 20.49 -17.22
N ALA A 152 34.15 19.69 -16.19
CA ALA A 152 35.49 19.60 -15.61
C ALA A 152 36.51 18.89 -16.51
N VAL A 153 36.05 18.05 -17.46
CA VAL A 153 36.96 17.33 -18.35
C VAL A 153 37.60 18.34 -19.33
N PRO A 154 38.92 18.37 -19.40
CA PRO A 154 39.59 19.27 -20.34
C PRO A 154 39.16 19.00 -21.80
N PRO A 155 39.12 20.03 -22.66
CA PRO A 155 38.76 19.80 -24.08
C PRO A 155 39.70 18.86 -24.82
N THR A 156 40.95 18.69 -24.37
CA THR A 156 41.91 17.80 -25.05
C THR A 156 41.68 16.32 -24.67
N GLU A 157 40.68 16.05 -23.84
CA GLU A 157 40.32 14.70 -23.49
C GLU A 157 38.91 14.40 -24.02
N LYS A 158 38.75 13.32 -24.78
CA LYS A 158 37.45 12.91 -25.29
C LYS A 158 36.54 12.55 -24.12
N ARG A 159 35.35 13.11 -24.13
CA ARG A 159 34.36 12.88 -23.08
C ARG A 159 33.45 11.73 -23.48
N PHE A 160 33.41 10.71 -22.63
CA PHE A 160 32.49 9.57 -22.76
C PHE A 160 31.38 9.73 -21.74
N VAL A 161 30.14 9.88 -22.18
CA VAL A 161 29.06 10.18 -21.25
C VAL A 161 28.04 9.06 -21.14
N LYS A 162 27.63 8.73 -19.91
CA LYS A 162 26.53 7.81 -19.64
C LYS A 162 25.34 8.51 -19.00
N THR A 163 24.14 8.26 -19.51
CA THR A 163 22.95 8.86 -18.94
C THR A 163 21.72 7.98 -19.14
N HIS A 164 20.85 7.96 -18.16
CA HIS A 164 19.51 7.44 -18.34
C HIS A 164 18.46 8.53 -18.59
N LEU A 165 18.90 9.76 -18.84
CA LEU A 165 17.95 10.84 -19.10
C LEU A 165 17.33 10.74 -20.49
N PRO A 166 16.04 11.02 -20.59
CA PRO A 166 15.41 11.13 -21.91
C PRO A 166 15.91 12.34 -22.69
N LEU A 167 15.76 12.25 -24.01
CA LEU A 167 16.30 13.26 -24.91
C LEU A 167 15.71 14.64 -24.61
N SER A 168 14.47 14.67 -24.18
CA SER A 168 13.79 15.93 -23.93
C SER A 168 14.31 16.72 -22.72
N LEU A 169 15.14 16.10 -21.87
CA LEU A 169 15.74 16.78 -20.73
C LEU A 169 17.18 17.25 -20.99
N MET A 170 17.71 16.88 -22.15
CA MET A 170 19.04 17.37 -22.58
C MET A 170 18.91 18.43 -23.69
N PRO A 171 20.01 19.03 -24.13
CA PRO A 171 19.90 20.05 -25.17
C PRO A 171 19.14 19.53 -26.40
N PRO A 172 18.09 20.20 -26.86
CA PRO A 172 17.48 19.78 -28.12
C PRO A 172 18.57 20.06 -29.19
N ASN A 173 18.61 19.24 -30.23
CA ASN A 173 19.66 19.35 -31.24
C ASN A 173 21.05 19.06 -30.70
N MET A 174 21.15 18.32 -29.60
CA MET A 174 22.47 17.87 -29.15
C MET A 174 23.15 16.99 -30.21
N LEU A 175 22.37 16.22 -30.96
CA LEU A 175 22.87 15.30 -31.99
C LEU A 175 23.46 16.03 -33.19
N ASP A 176 23.27 17.34 -33.27
CA ASP A 176 24.02 18.17 -34.22
C ASP A 176 25.50 18.14 -33.87
N THR A 177 25.79 18.03 -32.58
CA THR A 177 27.16 18.13 -32.09
C THR A 177 27.76 16.76 -31.74
N VAL A 178 27.02 15.96 -30.99
CA VAL A 178 27.55 14.76 -30.39
C VAL A 178 27.00 13.49 -31.06
N LYS A 179 27.70 12.37 -30.89
CA LYS A 179 27.17 11.05 -31.26
C LYS A 179 26.55 10.37 -30.05
N MET A 180 25.48 9.62 -30.28
CA MET A 180 24.83 8.85 -29.22
C MET A 180 24.44 7.45 -29.67
N VAL A 181 24.76 6.47 -28.84
CA VAL A 181 24.25 5.12 -29.00
C VAL A 181 23.17 4.94 -27.91
N TYR A 182 21.97 4.55 -28.31
CA TYR A 182 20.87 4.38 -27.37
C TYR A 182 20.40 2.93 -27.41
N LEU A 183 20.15 2.40 -26.22
CA LEU A 183 19.75 1.00 -26.07
C LEU A 183 18.33 0.90 -25.56
N ALA A 184 17.55 0.05 -26.22
CA ALA A 184 16.26 -0.38 -25.69
C ALA A 184 16.21 -1.91 -25.50
N ARG A 185 15.25 -2.32 -24.67
CA ARG A 185 15.12 -3.69 -24.25
C ARG A 185 13.66 -3.93 -23.85
N ASP A 186 13.20 -5.13 -24.13
CA ASP A 186 11.86 -5.54 -23.71
C ASP A 186 11.58 -5.10 -22.27
N PRO A 187 10.59 -4.24 -22.05
CA PRO A 187 10.34 -3.66 -20.72
C PRO A 187 9.98 -4.63 -19.61
N ARG A 188 9.51 -5.83 -19.95
CA ARG A 188 9.27 -6.82 -18.93
C ARG A 188 10.61 -7.30 -18.34
N ASP A 189 11.63 -7.51 -19.19
CA ASP A 189 12.98 -7.85 -18.71
C ASP A 189 13.65 -6.68 -18.06
N VAL A 190 13.34 -5.48 -18.54
CA VAL A 190 13.84 -4.26 -17.92
C VAL A 190 13.27 -4.19 -16.52
N ALA A 191 11.99 -4.52 -16.35
CA ALA A 191 11.34 -4.40 -15.06
C ALA A 191 11.99 -5.35 -14.08
N VAL A 192 12.25 -6.59 -14.51
CA VAL A 192 12.88 -7.59 -13.67
C VAL A 192 14.27 -7.14 -13.25
N SER A 193 15.05 -6.62 -14.21
CA SER A 193 16.41 -6.28 -13.94
C SER A 193 16.45 -5.07 -13.02
N SER A 194 15.50 -4.15 -13.18
CA SER A 194 15.40 -2.95 -12.35
C SER A 194 14.99 -3.27 -10.89
N PHE A 195 14.12 -4.27 -10.72
CA PHE A 195 13.77 -4.84 -9.42
C PHE A 195 15.02 -5.32 -8.68
N HIS A 196 15.84 -6.13 -9.35
CA HIS A 196 17.00 -6.71 -8.70
C HIS A 196 18.09 -5.64 -8.42
N HIS A 197 18.16 -4.64 -9.29
CA HIS A 197 19.13 -3.56 -9.18
C HIS A 197 18.73 -2.61 -8.01
N ALA A 198 17.43 -2.44 -7.81
CA ALA A 198 16.96 -1.72 -6.64
C ALA A 198 17.32 -2.46 -5.38
N ARG A 199 17.16 -3.77 -5.37
CA ARG A 199 17.56 -4.61 -4.23
C ARG A 199 19.08 -4.52 -3.97
N LEU A 200 19.86 -4.53 -5.04
CA LEU A 200 21.29 -4.39 -5.00
C LEU A 200 21.75 -3.18 -4.21
N LEU A 201 21.07 -2.05 -4.39
CA LEU A 201 21.45 -0.80 -3.76
C LEU A 201 20.58 -0.43 -2.53
N TYR A 202 19.78 -1.38 -2.07
CA TYR A 202 18.92 -1.27 -0.88
C TYR A 202 17.82 -0.21 -1.01
N LEU A 203 17.35 0.02 -2.23
CA LEU A 203 16.27 0.97 -2.47
C LEU A 203 14.91 0.48 -1.96
N LEU A 204 14.70 -0.83 -1.97
CA LEU A 204 13.37 -1.36 -1.74
C LEU A 204 13.17 -1.87 -0.34
N ASN A 205 11.91 -1.83 0.08
CA ASN A 205 11.52 -2.42 1.34
C ASN A 205 11.68 -3.92 1.18
N LYS A 206 12.14 -4.61 2.21
CA LYS A 206 12.31 -6.06 2.15
C LYS A 206 10.94 -6.79 2.03
N GLN A 207 9.90 -6.16 2.55
CA GLN A 207 8.54 -6.73 2.57
C GLN A 207 7.81 -6.64 1.21
N SER A 208 8.28 -5.75 0.32
CA SER A 208 7.75 -5.65 -1.05
C SER A 208 8.19 -6.85 -1.90
N ASN A 209 7.47 -7.10 -2.99
CA ASN A 209 7.84 -8.16 -3.93
C ASN A 209 7.89 -7.62 -5.38
N PHE A 210 8.22 -8.49 -6.34
CA PHE A 210 8.34 -8.07 -7.71
C PHE A 210 7.02 -7.55 -8.34
N LYS A 211 5.90 -8.18 -8.02
CA LYS A 211 4.61 -7.69 -8.49
C LYS A 211 4.35 -6.23 -8.05
N ASP A 212 4.64 -5.91 -6.78
CA ASP A 212 4.61 -4.50 -6.31
C ASP A 212 5.52 -3.61 -7.18
N PHE A 213 6.70 -4.13 -7.52
CA PHE A 213 7.62 -3.39 -8.39
C PHE A 213 7.02 -3.19 -9.77
N TRP A 214 6.53 -4.26 -10.37
CA TRP A 214 5.86 -4.20 -11.67
C TRP A 214 4.75 -3.17 -11.71
N GLU A 215 3.92 -3.17 -10.68
CA GLU A 215 2.79 -2.27 -10.59
C GLU A 215 3.29 -0.85 -10.74
N MET A 216 4.27 -0.48 -9.91
CA MET A 216 4.94 0.80 -9.96
C MET A 216 5.56 1.06 -11.33
N PHE A 217 6.34 0.11 -11.83
CA PHE A 217 7.12 0.34 -13.08
C PHE A 217 6.24 0.67 -14.30
N HIS A 218 5.22 -0.15 -14.56
CA HIS A 218 4.47 -0.07 -15.82
C HIS A 218 3.48 1.05 -15.77
N ARG A 219 3.25 1.62 -14.58
CA ARG A 219 2.34 2.76 -14.41
C ARG A 219 3.05 4.09 -14.46
N GLY A 220 4.36 4.06 -14.67
CA GLY A 220 5.14 5.28 -14.80
C GLY A 220 5.57 5.92 -13.50
N LEU A 221 5.81 5.10 -12.46
CA LEU A 221 6.12 5.61 -11.14
C LEU A 221 7.48 5.15 -10.58
N TYR A 222 8.32 4.60 -11.45
CA TYR A 222 9.69 4.35 -11.06
C TYR A 222 10.61 5.31 -11.84
N THR A 223 11.84 5.43 -11.34
CA THR A 223 12.88 6.30 -11.83
C THR A 223 12.95 6.40 -13.34
N LEU A 224 12.67 7.61 -13.83
CA LEU A 224 12.86 8.02 -15.21
C LEU A 224 11.90 7.34 -16.21
N THR A 225 10.84 6.71 -15.71
CA THR A 225 9.68 6.35 -16.54
C THR A 225 8.82 7.63 -16.66
N PRO A 226 7.77 7.69 -17.50
CA PRO A 226 7.24 6.57 -18.30
C PRO A 226 8.22 5.87 -19.28
N TYR A 227 8.31 4.56 -19.17
CA TYR A 227 9.24 3.77 -20.00
C TYR A 227 9.11 4.05 -21.53
N PHE A 228 7.92 3.98 -22.07
CA PHE A 228 7.75 4.05 -23.52
C PHE A 228 8.01 5.42 -24.07
N GLU A 229 7.65 6.45 -23.31
CA GLU A 229 7.96 7.84 -23.71
C GLU A 229 9.45 8.01 -23.93
N HIS A 230 10.23 7.52 -22.95
CA HIS A 230 11.67 7.51 -22.97
C HIS A 230 12.21 6.84 -24.24
N VAL A 231 11.70 5.64 -24.57
CA VAL A 231 12.13 4.93 -25.77
C VAL A 231 11.69 5.66 -27.04
N LYS A 232 10.45 6.12 -27.06
CA LYS A 232 9.89 6.76 -28.24
C LYS A 232 10.61 8.05 -28.63
N GLU A 233 11.23 8.74 -27.67
CA GLU A 233 11.98 9.96 -27.98
C GLU A 233 13.21 9.63 -28.79
N ALA A 234 13.93 8.59 -28.40
CA ALA A 234 15.12 8.16 -29.16
C ALA A 234 14.78 7.57 -30.50
N TRP A 235 13.75 6.71 -30.52
CA TRP A 235 13.22 6.07 -31.71
C TRP A 235 12.91 7.11 -32.79
N ALA A 236 12.33 8.24 -32.39
CA ALA A 236 12.01 9.33 -33.32
C ALA A 236 13.25 10.03 -33.94
N LYS A 237 14.42 9.85 -33.33
CA LYS A 237 15.67 10.44 -33.83
C LYS A 237 16.67 9.39 -34.39
N ARG A 238 16.19 8.18 -34.73
CA ARG A 238 17.08 7.07 -35.05
C ARG A 238 17.70 7.21 -36.44
N HIS A 239 17.08 8.08 -37.24
CA HIS A 239 17.42 8.31 -38.62
C HIS A 239 18.61 9.24 -38.69
N ASP A 240 18.76 10.03 -37.63
CA ASP A 240 19.88 10.96 -37.57
C ASP A 240 21.21 10.25 -37.69
N PRO A 241 22.12 10.78 -38.51
CA PRO A 241 23.46 10.18 -38.68
C PRO A 241 24.26 10.07 -37.37
N ASN A 242 23.88 10.81 -36.33
CA ASN A 242 24.59 10.84 -35.07
C ASN A 242 23.86 10.06 -33.98
N MET A 243 22.80 9.33 -34.36
CA MET A 243 22.12 8.41 -33.44
C MET A 243 22.21 6.98 -33.93
N LEU A 244 22.61 6.06 -33.06
CA LEU A 244 22.46 4.63 -33.32
C LEU A 244 21.52 3.99 -32.30
N PHE A 245 20.32 3.63 -32.72
CA PHE A 245 19.32 2.97 -31.85
C PHE A 245 19.51 1.46 -31.95
N LEU A 246 19.91 0.82 -30.86
CA LEU A 246 20.08 -0.62 -30.79
C LEU A 246 19.13 -1.27 -29.78
N PHE A 247 18.93 -2.58 -29.92
CA PHE A 247 18.20 -3.38 -28.95
C PHE A 247 19.14 -4.36 -28.24
N TYR A 248 19.00 -4.44 -26.92
CA TYR A 248 19.72 -5.39 -26.07
C TYR A 248 19.71 -6.80 -26.63
N GLU A 249 18.55 -7.18 -27.17
CA GLU A 249 18.29 -8.55 -27.63
C GLU A 249 19.12 -8.91 -28.83
N ASP A 250 19.48 -7.90 -29.63
CA ASP A 250 20.40 -8.11 -30.75
C ASP A 250 21.84 -8.37 -30.30
N TYR A 251 22.25 -7.88 -29.14
CA TYR A 251 23.52 -8.31 -28.57
C TYR A 251 23.55 -9.85 -28.33
N LEU A 252 22.43 -10.39 -27.83
CA LEU A 252 22.25 -11.82 -27.58
C LEU A 252 22.15 -12.65 -28.86
N LYS A 253 21.49 -12.15 -29.89
CA LYS A 253 21.31 -12.94 -31.12
C LYS A 253 22.57 -12.91 -31.97
N ASP A 254 23.24 -11.76 -31.99
CA ASP A 254 24.32 -11.52 -32.94
C ASP A 254 25.25 -10.40 -32.47
N LEU A 255 26.14 -10.77 -31.56
CA LEU A 255 27.08 -9.85 -30.94
C LEU A 255 28.04 -9.25 -31.97
N PRO A 256 28.68 -10.07 -32.81
CA PRO A 256 29.59 -9.56 -33.84
C PRO A 256 28.93 -8.53 -34.79
N GLY A 257 27.68 -8.82 -35.17
CA GLY A 257 26.89 -7.96 -36.05
C GLY A 257 26.63 -6.62 -35.41
N SER A 258 26.22 -6.65 -34.14
CA SER A 258 26.06 -5.46 -33.34
C SER A 258 27.34 -4.64 -33.19
N ILE A 259 28.45 -5.31 -32.91
CA ILE A 259 29.72 -4.59 -32.78
C ILE A 259 30.11 -3.91 -34.10
N ALA A 260 29.82 -4.55 -35.21
CA ALA A 260 30.26 -4.04 -36.49
C ALA A 260 29.43 -2.81 -36.81
N ARG A 261 28.16 -2.83 -36.42
CA ARG A 261 27.29 -1.66 -36.57
C ARG A 261 27.81 -0.47 -35.76
N ILE A 262 28.17 -0.69 -34.50
CA ILE A 262 28.74 0.37 -33.66
C ILE A 262 30.03 0.98 -34.23
N ALA A 263 30.94 0.11 -34.65
CA ALA A 263 32.23 0.53 -35.26
C ALA A 263 32.02 1.38 -36.51
N ASP A 264 31.17 0.91 -37.41
CA ASP A 264 30.75 1.70 -38.58
C ASP A 264 30.14 3.06 -38.19
N PHE A 265 29.18 3.05 -37.26
CA PHE A 265 28.59 4.28 -36.76
C PHE A 265 29.63 5.32 -36.26
N LEU A 266 30.67 4.84 -35.57
CA LEU A 266 31.73 5.67 -34.99
C LEU A 266 32.90 5.98 -35.95
N GLY A 267 32.87 5.47 -37.16
CA GLY A 267 33.86 5.83 -38.16
C GLY A 267 35.12 4.98 -38.17
N LYS A 268 35.10 3.86 -37.45
CA LYS A 268 36.27 3.00 -37.25
C LYS A 268 36.09 1.71 -38.02
N LYS A 269 37.04 1.40 -38.91
CA LYS A 269 37.03 0.12 -39.60
C LYS A 269 37.70 -0.90 -38.68
N LEU A 270 37.06 -2.07 -38.52
CA LEU A 270 37.62 -3.19 -37.75
C LEU A 270 37.69 -4.45 -38.58
N SER A 271 38.75 -5.23 -38.39
CA SER A 271 38.91 -6.52 -39.07
C SER A 271 38.00 -7.53 -38.42
N GLU A 272 37.84 -8.67 -39.07
CA GLU A 272 37.05 -9.76 -38.49
C GLU A 272 37.68 -10.21 -37.16
N GLU A 273 39.01 -10.24 -37.14
CA GLU A 273 39.78 -10.68 -35.96
C GLU A 273 39.56 -9.78 -34.74
N GLN A 274 39.35 -8.49 -35.02
CA GLN A 274 39.17 -7.49 -33.96
C GLN A 274 37.75 -7.55 -33.39
N ILE A 275 36.73 -7.74 -34.24
CA ILE A 275 35.36 -7.98 -33.80
C ILE A 275 35.29 -9.24 -32.90
N GLN A 276 35.93 -10.34 -33.30
CA GLN A 276 35.87 -11.59 -32.52
C GLN A 276 36.43 -11.42 -31.10
N ARG A 277 37.58 -10.76 -31.01
CA ARG A 277 38.23 -10.39 -29.76
C ARG A 277 37.35 -9.52 -28.88
N LEU A 278 36.70 -8.53 -29.51
CA LEU A 278 35.72 -7.68 -28.82
C LEU A 278 34.57 -8.50 -28.29
N SER A 279 34.10 -9.42 -29.14
CA SER A 279 33.00 -10.33 -28.82
C SER A 279 33.37 -11.31 -27.69
N GLU A 280 34.58 -11.83 -27.70
CA GLU A 280 35.03 -12.70 -26.62
C GLU A 280 35.05 -11.90 -25.33
N HIS A 281 35.48 -10.63 -25.41
CA HIS A 281 35.62 -9.75 -24.25
C HIS A 281 34.26 -9.49 -23.59
N LEU A 282 33.18 -9.45 -24.39
CA LEU A 282 31.81 -9.27 -23.88
C LEU A 282 31.06 -10.55 -23.56
N ASN A 283 31.69 -11.72 -23.72
CA ASN A 283 31.14 -12.97 -23.19
C ASN A 283 30.59 -12.73 -21.79
N PHE A 284 29.39 -13.24 -21.49
CA PHE A 284 28.75 -12.89 -20.22
C PHE A 284 29.58 -13.27 -19.00
N GLU A 285 30.00 -14.52 -18.91
CA GLU A 285 30.71 -14.99 -17.70
C GLU A 285 32.01 -14.24 -17.47
N LYS A 286 32.75 -13.95 -18.56
CA LYS A 286 33.99 -13.16 -18.49
C LYS A 286 33.75 -11.70 -18.01
N PHE A 287 32.78 -11.03 -18.63
CA PHE A 287 32.38 -9.66 -18.30
C PHE A 287 31.87 -9.53 -16.85
N LYS A 288 31.04 -10.45 -16.41
CA LYS A 288 30.58 -10.48 -15.02
C LYS A 288 31.75 -10.61 -14.01
N ASN A 289 32.84 -11.28 -14.44
CA ASN A 289 34.04 -11.42 -13.61
C ASN A 289 35.04 -10.28 -13.84
N ASN A 290 34.63 -9.28 -14.62
CA ASN A 290 35.52 -8.19 -14.95
C ASN A 290 35.34 -7.07 -13.89
N GLY A 291 36.29 -6.99 -12.95
CA GLY A 291 36.32 -5.93 -11.93
C GLY A 291 36.29 -4.49 -12.42
N ALA A 292 36.67 -4.27 -13.68
CA ALA A 292 36.62 -2.94 -14.26
C ALA A 292 35.18 -2.44 -14.52
N VAL A 293 34.26 -3.38 -14.77
CA VAL A 293 32.88 -3.06 -15.16
C VAL A 293 31.76 -3.65 -14.27
N ASN A 294 32.08 -4.59 -13.37
CA ASN A 294 31.06 -5.32 -12.63
C ASN A 294 30.60 -4.66 -11.30
N MET A 295 31.15 -3.48 -10.97
CA MET A 295 30.83 -2.72 -9.76
C MET A 295 31.10 -3.44 -8.43
N GLU A 296 31.92 -4.50 -8.44
CA GLU A 296 32.20 -5.27 -7.24
C GLU A 296 33.11 -4.50 -6.28
N ASP A 297 33.79 -3.46 -6.78
CA ASP A 297 34.52 -2.51 -5.92
C ASP A 297 33.63 -1.83 -4.89
N TYR A 298 32.34 -1.72 -5.16
CA TYR A 298 31.42 -1.08 -4.23
C TYR A 298 31.00 -1.99 -3.07
N ARG A 299 31.17 -3.30 -3.24
CA ARG A 299 30.81 -4.27 -2.20
C ARG A 299 31.82 -4.17 -1.07
N GLU A 300 33.05 -3.87 -1.45
CA GLU A 300 34.15 -3.58 -0.53
C GLU A 300 33.77 -2.43 0.40
N ILE A 301 33.11 -1.42 -0.18
CA ILE A 301 32.67 -0.26 0.57
C ILE A 301 31.57 -0.65 1.56
N GLY A 302 30.72 -1.62 1.20
CA GLY A 302 29.70 -2.13 2.11
C GLY A 302 28.28 -1.68 1.79
N ILE A 303 28.10 -1.16 0.58
CA ILE A 303 26.81 -0.61 0.17
C ILE A 303 26.03 -1.46 -0.84
N LEU A 304 26.53 -2.64 -1.19
CA LEU A 304 25.78 -3.60 -2.03
C LEU A 304 25.15 -4.74 -1.20
N ALA A 305 23.94 -5.16 -1.57
CA ALA A 305 23.24 -6.20 -0.82
C ALA A 305 23.67 -7.59 -1.22
N ASP A 306 23.71 -8.50 -0.25
CA ASP A 306 24.03 -9.91 -0.47
C ASP A 306 23.10 -10.49 -1.51
N GLY A 307 23.60 -11.44 -2.30
CA GLY A 307 22.77 -12.08 -3.31
C GLY A 307 22.62 -11.36 -4.65
N GLU A 308 22.76 -10.04 -4.66
CA GLU A 308 22.54 -9.29 -5.89
C GLU A 308 23.88 -8.94 -6.55
N HIS A 309 23.87 -8.93 -7.88
CA HIS A 309 25.02 -8.53 -8.68
C HIS A 309 24.59 -7.56 -9.77
N PHE A 310 25.47 -6.62 -10.08
CA PHE A 310 25.25 -5.64 -11.13
C PHE A 310 25.25 -6.26 -12.54
N ILE A 311 26.12 -7.25 -12.77
CA ILE A 311 26.00 -8.12 -13.96
C ILE A 311 25.40 -9.42 -13.41
N ARG A 312 24.19 -9.78 -13.83
CA ARG A 312 23.33 -10.70 -13.11
C ARG A 312 23.06 -12.06 -13.81
N LYS A 313 22.32 -12.05 -14.91
CA LYS A 313 22.04 -13.31 -15.63
C LYS A 313 22.35 -13.23 -17.12
N GLY A 314 21.91 -12.18 -17.78
CA GLY A 314 22.33 -11.93 -19.17
C GLY A 314 21.46 -12.58 -20.24
N LYS A 315 20.20 -12.85 -19.91
CA LYS A 315 19.25 -13.56 -20.78
C LYS A 315 18.13 -12.65 -21.26
N ALA A 316 17.44 -13.07 -22.32
CA ALA A 316 16.18 -12.47 -22.74
C ALA A 316 15.05 -13.47 -22.50
N GLY A 317 13.89 -12.94 -22.06
CA GLY A 317 12.67 -13.74 -21.97
C GLY A 317 12.42 -14.41 -20.61
N CYS A 318 13.34 -14.23 -19.68
CA CYS A 318 13.17 -14.80 -18.35
C CYS A 318 12.16 -14.01 -17.47
N TRP A 319 11.56 -12.93 -17.99
CA TRP A 319 10.40 -12.32 -17.32
C TRP A 319 9.25 -13.28 -17.08
N ARG A 320 9.11 -14.27 -17.95
CA ARG A 320 8.08 -15.31 -17.79
C ARG A 320 8.20 -16.07 -16.45
N ASP A 321 9.38 -16.02 -15.82
CA ASP A 321 9.56 -16.63 -14.50
C ASP A 321 8.94 -15.84 -13.35
N TYR A 322 8.65 -14.57 -13.58
CA TYR A 322 8.21 -13.61 -12.56
C TYR A 322 6.76 -13.17 -12.68
N PHE A 323 6.15 -13.37 -13.86
CA PHE A 323 4.81 -12.87 -14.17
C PHE A 323 3.77 -13.95 -14.04
N ASP A 324 2.77 -13.70 -13.19
CA ASP A 324 1.60 -14.55 -13.16
C ASP A 324 0.70 -14.22 -14.38
N GLU A 325 -0.43 -14.89 -14.48
CA GLU A 325 -1.21 -14.82 -15.71
C GLU A 325 -1.81 -13.40 -15.80
N GLU A 326 -2.17 -12.84 -14.65
CA GLU A 326 -2.70 -11.49 -14.52
C GLU A 326 -1.72 -10.39 -14.97
N MET A 327 -0.52 -10.38 -14.38
CA MET A 327 0.53 -9.48 -14.80
C MET A 327 0.84 -9.64 -16.28
N THR A 328 0.80 -10.87 -16.79
CA THR A 328 1.13 -11.18 -18.19
C THR A 328 0.16 -10.46 -19.14
N LYS A 329 -1.10 -10.39 -18.73
CA LYS A 329 -2.15 -9.75 -19.52
C LYS A 329 -2.11 -8.23 -19.39
N GLN A 330 -1.67 -7.77 -18.21
CA GLN A 330 -1.41 -6.37 -17.95
C GLN A 330 -0.24 -5.90 -18.85
N ALA A 331 0.80 -6.71 -18.98
CA ALA A 331 1.94 -6.36 -19.82
C ALA A 331 1.51 -6.33 -21.27
N GLU A 332 0.77 -7.34 -21.69
CA GLU A 332 0.23 -7.42 -23.06
C GLU A 332 -0.57 -6.22 -23.50
N LYS A 333 -1.56 -5.83 -22.69
CA LYS A 333 -2.38 -4.65 -22.95
C LYS A 333 -1.51 -3.38 -23.01
N TRP A 334 -0.60 -3.22 -22.06
CA TRP A 334 0.23 -2.02 -21.94
C TRP A 334 1.13 -1.89 -23.17
N ILE A 335 1.74 -3.01 -23.57
CA ILE A 335 2.67 -2.99 -24.70
C ILE A 335 1.90 -2.64 -26.01
N LYS A 336 0.76 -3.31 -26.21
CA LYS A 336 -0.11 -3.08 -27.35
C LYS A 336 -0.58 -1.63 -27.45
N ASP A 337 -1.11 -1.07 -26.36
CA ASP A 337 -1.54 0.35 -26.33
C ASP A 337 -0.42 1.30 -26.75
N ASN A 338 0.78 0.99 -26.31
CA ASN A 338 1.93 1.87 -26.51
C ASN A 338 2.59 1.72 -27.90
N LEU A 339 2.35 0.59 -28.56
CA LEU A 339 2.86 0.34 -29.90
C LEU A 339 1.78 0.62 -30.98
N LYS A 340 0.55 0.91 -30.56
CA LYS A 340 -0.50 1.38 -31.52
C LYS A 340 -0.06 2.71 -32.13
N ASP A 341 -0.32 2.90 -33.42
CA ASP A 341 0.03 4.13 -34.12
C ASP A 341 1.54 4.49 -34.07
N THR A 342 2.40 3.48 -34.03
CA THR A 342 3.84 3.65 -34.26
C THR A 342 4.43 2.45 -35.00
N ASP A 343 5.58 2.67 -35.64
CA ASP A 343 6.33 1.58 -36.25
C ASP A 343 7.34 0.94 -35.29
N LEU A 344 7.31 1.37 -34.01
CA LEU A 344 8.20 0.77 -33.01
C LEU A 344 7.91 -0.73 -32.84
N ARG A 345 8.92 -1.55 -33.04
CA ARG A 345 8.79 -2.99 -32.81
C ARG A 345 10.06 -3.47 -32.12
N TYR A 346 9.89 -4.48 -31.26
CA TYR A 346 10.98 -5.11 -30.54
C TYR A 346 11.31 -6.42 -31.28
N PRO A 347 12.59 -6.77 -31.37
CA PRO A 347 13.02 -7.91 -32.19
C PRO A 347 12.53 -9.26 -31.71
N ASN A 348 12.57 -9.47 -30.40
CA ASN A 348 12.16 -10.75 -29.82
C ASN A 348 10.63 -10.89 -29.67
N MET A 349 9.93 -9.75 -29.70
CA MET A 349 8.48 -9.71 -29.48
C MET A 349 7.68 -10.23 -30.68
N PRO B 8 -33.87 -25.57 20.16
CA PRO B 8 -34.97 -25.18 21.11
C PRO B 8 -35.11 -23.64 21.25
N PHE B 9 -35.17 -22.96 20.12
CA PHE B 9 -35.15 -21.49 20.07
C PHE B 9 -36.48 -20.90 20.61
N PRO B 10 -36.44 -20.16 21.72
CA PRO B 10 -37.68 -19.73 22.37
C PRO B 10 -38.32 -18.50 21.72
N TYR B 11 -37.69 -17.87 20.74
CA TYR B 11 -38.22 -16.60 20.23
C TYR B 11 -38.87 -16.72 18.87
N GLU B 12 -39.85 -15.85 18.67
CA GLU B 12 -40.52 -15.68 17.38
C GLU B 12 -40.10 -14.34 16.77
N PHE B 13 -40.26 -14.21 15.46
CA PHE B 13 -40.03 -12.93 14.79
C PHE B 13 -41.35 -12.40 14.21
N ARG B 14 -41.42 -11.09 14.00
CA ARG B 14 -42.51 -10.46 13.25
C ARG B 14 -41.96 -9.52 12.16
N GLU B 15 -42.76 -9.33 11.11
CA GLU B 15 -42.50 -8.29 10.12
C GLU B 15 -42.78 -6.92 10.79
N LEU B 16 -42.11 -5.88 10.29
CA LEU B 16 -42.46 -4.52 10.67
C LEU B 16 -43.91 -4.21 10.24
N ASN B 17 -44.63 -3.50 11.10
CA ASN B 17 -45.93 -2.95 10.77
C ASN B 17 -45.79 -1.75 9.80
N PRO B 18 -46.89 -1.29 9.18
CA PRO B 18 -46.82 -0.20 8.19
C PRO B 18 -46.11 1.06 8.68
N GLU B 19 -46.38 1.51 9.91
CA GLU B 19 -45.78 2.74 10.45
C GLU B 19 -44.26 2.60 10.67
N GLU B 20 -43.86 1.48 11.24
CA GLU B 20 -42.46 1.11 11.38
C GLU B 20 -41.75 1.03 10.02
N ASP B 21 -42.44 0.47 9.04
CA ASP B 21 -41.89 0.17 7.72
C ASP B 21 -41.64 1.45 6.94
N LYS B 22 -42.57 2.39 7.04
CA LYS B 22 -42.44 3.72 6.44
C LYS B 22 -41.17 4.39 6.92
N LEU B 23 -40.95 4.43 8.23
CA LEU B 23 -39.72 5.03 8.78
C LEU B 23 -38.40 4.33 8.38
N VAL B 24 -38.38 2.99 8.37
CA VAL B 24 -37.16 2.28 8.00
C VAL B 24 -36.92 2.54 6.52
N LYS B 25 -37.93 2.27 5.71
CA LYS B 25 -37.84 2.48 4.26
C LYS B 25 -37.43 3.91 3.89
N ALA B 26 -37.72 4.88 4.75
CA ALA B 26 -37.32 6.26 4.48
C ALA B 26 -35.81 6.43 4.56
N ASN B 27 -35.16 5.69 5.46
CA ASN B 27 -33.70 5.77 5.62
C ASN B 27 -32.82 4.71 4.93
N LEU B 28 -33.35 3.49 4.81
CA LEU B 28 -32.56 2.31 4.43
C LEU B 28 -33.19 1.50 3.34
N GLY B 29 -34.17 2.07 2.64
CA GLY B 29 -35.01 1.34 1.70
C GLY B 29 -34.27 0.86 0.48
N ALA B 30 -33.35 1.68 0.00
CA ALA B 30 -32.48 1.30 -1.12
C ALA B 30 -31.66 0.06 -0.81
N PHE B 31 -31.31 -0.13 0.46
CA PHE B 31 -30.51 -1.27 0.83
C PHE B 31 -31.31 -2.57 0.69
N PRO B 32 -30.76 -3.56 -0.01
CA PRO B 32 -31.52 -4.78 -0.29
C PRO B 32 -31.84 -5.63 0.95
N THR B 33 -30.95 -5.72 1.92
CA THR B 33 -31.24 -6.53 3.10
C THR B 33 -32.30 -5.83 3.94
N THR B 34 -33.42 -6.51 4.19
CA THR B 34 -34.47 -5.96 5.07
C THR B 34 -34.38 -6.50 6.51
N TYR B 35 -35.17 -5.91 7.40
CA TYR B 35 -35.23 -6.25 8.81
C TYR B 35 -36.45 -7.08 9.19
N VAL B 36 -36.34 -7.83 10.28
CA VAL B 36 -37.46 -8.28 11.07
C VAL B 36 -37.19 -7.95 12.57
N LYS B 37 -38.23 -8.00 13.41
CA LYS B 37 -38.03 -7.82 14.86
C LYS B 37 -38.10 -9.21 15.51
N LEU B 38 -37.14 -9.47 16.38
CA LEU B 38 -36.91 -10.81 16.90
C LEU B 38 -37.12 -10.80 18.41
N GLY B 39 -38.10 -11.55 18.84
CA GLY B 39 -38.32 -11.80 20.25
C GLY B 39 -39.17 -10.74 20.89
N PRO B 40 -39.47 -10.93 22.19
CA PRO B 40 -40.39 -10.02 22.89
C PRO B 40 -39.85 -8.58 23.06
N LYS B 41 -38.54 -8.35 23.02
CA LYS B 41 -38.03 -6.97 23.01
C LYS B 41 -38.01 -6.33 21.60
N GLY B 42 -38.22 -7.16 20.56
CA GLY B 42 -38.21 -6.70 19.18
C GLY B 42 -36.88 -6.16 18.67
N TYR B 43 -35.78 -6.82 19.04
CA TYR B 43 -34.47 -6.56 18.46
C TYR B 43 -34.54 -6.61 16.93
N MET B 44 -34.07 -5.53 16.31
CA MET B 44 -33.96 -5.38 14.87
C MET B 44 -32.80 -6.23 14.36
N VAL B 45 -33.13 -7.27 13.61
CA VAL B 45 -32.14 -8.05 12.92
C VAL B 45 -32.42 -8.04 11.45
N TYR B 46 -31.34 -7.95 10.68
CA TYR B 46 -31.40 -8.21 9.27
C TYR B 46 -31.89 -9.66 9.06
N ARG B 47 -32.82 -9.82 8.11
CA ARG B 47 -33.50 -11.07 7.86
C ARG B 47 -32.63 -12.32 7.77
N PRO B 48 -31.49 -12.29 7.09
CA PRO B 48 -30.62 -13.47 7.07
C PRO B 48 -30.15 -13.97 8.45
N TYR B 49 -30.22 -13.15 9.51
CA TYR B 49 -29.91 -13.64 10.85
C TYR B 49 -30.71 -14.89 11.23
N LEU B 50 -31.96 -14.95 10.82
CA LEU B 50 -32.87 -16.04 11.27
C LEU B 50 -32.39 -17.46 10.91
N LYS B 51 -31.67 -17.62 9.81
CA LYS B 51 -31.16 -18.94 9.44
C LYS B 51 -30.08 -19.50 10.42
N ASP B 52 -29.45 -18.62 11.21
CA ASP B 52 -28.41 -19.01 12.18
C ASP B 52 -28.81 -18.73 13.62
N ALA B 53 -29.97 -18.14 13.85
CA ALA B 53 -30.36 -17.68 15.18
C ALA B 53 -30.35 -18.82 16.21
N ALA B 54 -30.94 -19.95 15.85
CA ALA B 54 -30.97 -21.12 16.73
C ALA B 54 -29.58 -21.72 16.95
N ASN B 55 -28.76 -21.77 15.91
CA ASN B 55 -27.39 -22.25 16.06
C ASN B 55 -26.57 -21.35 17.03
N ILE B 56 -26.75 -20.04 16.91
CA ILE B 56 -26.06 -19.07 17.77
C ILE B 56 -26.58 -19.16 19.21
N TYR B 57 -27.88 -19.32 19.39
CA TYR B 57 -28.45 -19.55 20.72
C TYR B 57 -27.89 -20.81 21.42
N ASN B 58 -27.48 -21.81 20.65
CA ASN B 58 -26.97 -23.07 21.15
C ASN B 58 -25.47 -23.29 20.83
N MET B 59 -24.72 -22.25 20.49
CA MET B 59 -23.36 -22.48 20.00
C MET B 59 -22.54 -23.12 21.13
N PRO B 60 -21.80 -24.20 20.86
CA PRO B 60 -20.88 -24.71 21.87
C PRO B 60 -19.88 -23.63 22.22
N LEU B 61 -19.61 -23.45 23.50
CA LEU B 61 -18.61 -22.53 23.99
C LEU B 61 -17.46 -23.24 24.71
N ARG B 62 -16.37 -22.53 24.91
CA ARG B 62 -15.13 -23.11 25.44
C ARG B 62 -14.61 -22.19 26.52
N PRO B 63 -13.95 -22.74 27.55
CA PRO B 63 -13.50 -21.93 28.69
C PRO B 63 -12.44 -20.87 28.32
N THR B 64 -11.74 -21.00 27.18
CA THR B 64 -10.77 -19.95 26.81
C THR B 64 -11.35 -18.85 25.90
N ASP B 65 -12.62 -18.98 25.46
CA ASP B 65 -13.21 -17.94 24.63
C ASP B 65 -13.26 -16.59 25.34
N VAL B 66 -12.93 -15.54 24.59
CA VAL B 66 -13.19 -14.17 25.02
C VAL B 66 -14.06 -13.49 23.98
N PHE B 67 -15.12 -12.83 24.46
CA PHE B 67 -16.07 -12.03 23.66
C PHE B 67 -15.87 -10.54 23.94
N VAL B 68 -15.87 -9.74 22.89
CA VAL B 68 -16.01 -8.29 22.99
C VAL B 68 -17.34 -7.93 22.36
N ALA B 69 -18.25 -7.44 23.20
CA ALA B 69 -19.60 -7.18 22.81
C ALA B 69 -19.98 -5.72 23.06
N SER B 70 -20.93 -5.23 22.26
CA SER B 70 -21.44 -3.88 22.39
C SER B 70 -22.64 -3.65 21.45
N TYR B 71 -23.44 -2.61 21.75
CA TYR B 71 -24.17 -1.93 20.71
C TYR B 71 -23.11 -1.24 19.89
N GLN B 72 -23.23 -1.34 18.58
CA GLN B 72 -22.17 -0.86 17.69
C GLN B 72 -21.79 0.61 17.90
N ARG B 73 -20.54 0.90 17.54
CA ARG B 73 -19.97 2.26 17.58
C ARG B 73 -19.74 2.76 19.00
N SER B 74 -19.45 1.84 19.92
CA SER B 74 -19.35 2.14 21.36
C SER B 74 -17.97 1.92 21.97
N GLY B 75 -16.96 1.61 21.13
CA GLY B 75 -15.59 1.34 21.54
C GLY B 75 -15.15 -0.11 21.34
N THR B 76 -15.80 -0.83 20.43
CA THR B 76 -15.54 -2.23 20.18
C THR B 76 -14.15 -2.52 19.64
N THR B 77 -13.74 -1.75 18.63
CA THR B 77 -12.43 -1.91 17.96
C THR B 77 -11.24 -1.64 18.91
N MET B 78 -11.30 -0.54 19.65
CA MET B 78 -10.26 -0.28 20.65
C MET B 78 -10.17 -1.43 21.63
N THR B 79 -11.32 -1.91 22.08
CA THR B 79 -11.39 -2.96 23.06
C THR B 79 -10.79 -4.27 22.54
N GLN B 80 -11.09 -4.59 21.29
CA GLN B 80 -10.58 -5.79 20.62
C GLN B 80 -9.08 -5.77 20.61
N GLU B 81 -8.52 -4.59 20.38
CA GLU B 81 -7.05 -4.48 20.27
C GLU B 81 -6.44 -4.70 21.64
N LEU B 82 -6.99 -4.07 22.67
CA LEU B 82 -6.43 -4.15 24.01
C LEU B 82 -6.50 -5.59 24.50
N VAL B 83 -7.70 -6.18 24.38
CA VAL B 83 -7.95 -7.57 24.78
C VAL B 83 -6.98 -8.53 24.08
N TRP B 84 -6.82 -8.37 22.77
CA TRP B 84 -5.94 -9.26 22.00
C TRP B 84 -4.47 -9.15 22.40
N LEU B 85 -3.99 -7.93 22.62
CA LEU B 85 -2.58 -7.73 23.00
C LEU B 85 -2.28 -8.28 24.43
N ILE B 86 -3.18 -8.02 25.37
CA ILE B 86 -3.00 -8.45 26.74
C ILE B 86 -2.92 -9.98 26.78
N GLU B 87 -3.87 -10.64 26.10
CA GLU B 87 -3.87 -12.10 26.00
C GLU B 87 -2.67 -12.64 25.26
N ASN B 88 -2.14 -11.86 24.33
CA ASN B 88 -0.97 -12.30 23.57
C ASN B 88 0.34 -11.72 24.08
N ASP B 89 0.42 -11.46 25.38
CA ASP B 89 1.66 -10.99 26.05
C ASP B 89 2.29 -9.75 25.40
N LEU B 90 1.45 -8.80 25.00
CA LEU B 90 1.89 -7.58 24.36
C LEU B 90 2.87 -7.80 23.20
N ASN B 91 2.58 -8.83 22.40
CA ASN B 91 3.30 -9.12 21.16
C ASN B 91 2.73 -8.19 20.08
N PHE B 92 3.31 -6.99 20.04
CA PHE B 92 2.87 -5.94 19.13
C PHE B 92 3.09 -6.31 17.66
N GLU B 93 4.12 -7.11 17.41
CA GLU B 93 4.42 -7.54 16.05
C GLU B 93 3.26 -8.39 15.48
N ALA B 94 2.79 -9.37 16.28
CA ALA B 94 1.77 -10.29 15.83
C ALA B 94 0.43 -9.58 15.67
N ALA B 95 0.19 -8.51 16.45
CA ALA B 95 -1.03 -7.67 16.30
C ALA B 95 -1.09 -6.86 14.99
N LYS B 96 0.00 -6.84 14.21
CA LYS B 96 0.00 -6.19 12.90
C LYS B 96 -0.87 -6.88 11.83
N THR B 97 -1.42 -8.07 12.11
CA THR B 97 -2.39 -8.69 11.20
C THR B 97 -3.78 -8.03 11.34
N TYR B 98 -4.55 -8.07 10.27
CA TYR B 98 -5.87 -7.43 10.29
C TYR B 98 -6.68 -7.93 11.47
N MET B 99 -7.45 -7.02 12.08
CA MET B 99 -8.33 -7.35 13.20
C MET B 99 -9.39 -8.35 12.73
N SER B 100 -9.77 -8.31 11.45
CA SER B 100 -10.80 -9.20 10.91
C SER B 100 -10.29 -10.64 10.79
N LEU B 101 -8.97 -10.86 10.80
CA LEU B 101 -8.41 -12.22 10.90
C LEU B 101 -8.10 -12.69 12.32
N ARG B 102 -8.12 -11.78 13.28
CA ARG B 102 -7.84 -12.12 14.66
C ARG B 102 -9.12 -12.33 15.47
N TYR B 103 -10.21 -11.72 15.05
CA TYR B 103 -11.50 -11.91 15.72
C TYR B 103 -12.47 -12.46 14.72
N ILE B 104 -13.35 -13.32 15.19
CA ILE B 104 -14.55 -13.70 14.47
C ILE B 104 -15.74 -12.81 14.85
N TYR B 105 -16.33 -12.23 13.82
CA TYR B 105 -17.47 -11.35 13.93
C TYR B 105 -18.69 -12.25 13.88
N LEU B 106 -19.23 -12.57 15.06
CA LEU B 106 -20.33 -13.52 15.17
C LEU B 106 -21.55 -13.20 14.28
N ASP B 107 -21.99 -11.94 14.33
CA ASP B 107 -23.20 -11.51 13.64
C ASP B 107 -22.92 -10.72 12.36
N GLY B 108 -21.66 -10.68 11.92
CA GLY B 108 -21.25 -10.04 10.66
C GLY B 108 -22.02 -10.47 9.42
N PHE B 109 -22.37 -11.75 9.37
CA PHE B 109 -22.98 -12.34 8.21
C PHE B 109 -24.33 -11.75 7.84
N MET B 110 -25.08 -11.31 8.85
CA MET B 110 -26.50 -11.08 8.68
C MET B 110 -26.84 -9.94 7.71
N ILE B 111 -25.88 -9.04 7.51
CA ILE B 111 -26.07 -7.92 6.60
C ILE B 111 -26.21 -8.33 5.12
N TYR B 112 -25.80 -9.56 4.82
CA TYR B 112 -25.78 -10.06 3.46
C TYR B 112 -26.76 -11.17 3.21
N ASP B 113 -27.60 -10.98 2.18
CA ASP B 113 -28.50 -12.00 1.67
C ASP B 113 -28.01 -12.52 0.31
N PRO B 114 -27.43 -13.74 0.29
CA PRO B 114 -26.94 -14.36 -0.97
C PRO B 114 -28.00 -14.45 -2.09
N GLU B 115 -29.26 -14.47 -1.72
CA GLU B 115 -30.34 -14.43 -2.70
C GLU B 115 -30.36 -13.10 -3.48
N LYS B 116 -29.89 -12.03 -2.86
CA LYS B 116 -29.88 -10.73 -3.48
C LYS B 116 -28.47 -10.28 -3.94
N GLN B 117 -27.58 -11.22 -4.26
CA GLN B 117 -26.20 -10.91 -4.72
C GLN B 117 -26.13 -9.72 -5.68
N GLU B 118 -26.93 -9.79 -6.73
CA GLU B 118 -26.88 -8.87 -7.87
C GLU B 118 -27.20 -7.43 -7.46
N GLU B 119 -28.00 -7.27 -6.43
CA GLU B 119 -28.51 -5.97 -6.01
C GLU B 119 -27.51 -5.14 -5.18
N TYR B 120 -26.48 -5.76 -4.60
CA TYR B 120 -25.57 -5.06 -3.68
C TYR B 120 -24.56 -4.10 -4.31
N ASN B 121 -23.98 -4.48 -5.43
CA ASN B 121 -23.05 -3.57 -6.11
C ASN B 121 -23.76 -2.38 -6.76
N ASP B 122 -25.05 -2.53 -7.06
CA ASP B 122 -25.86 -1.42 -7.63
C ASP B 122 -25.94 -0.19 -6.73
N ILE B 123 -25.62 -0.36 -5.45
CA ILE B 123 -25.66 0.72 -4.46
C ILE B 123 -24.41 1.61 -4.50
N LEU B 124 -23.38 1.17 -5.22
CA LEU B 124 -22.11 1.88 -5.29
C LEU B 124 -22.16 2.87 -6.44
N PRO B 125 -21.55 4.04 -6.29
CA PRO B 125 -21.55 5.01 -7.38
C PRO B 125 -20.68 4.54 -8.56
N ASN B 126 -19.70 3.68 -8.30
CA ASN B 126 -18.79 3.18 -9.33
C ASN B 126 -18.56 1.66 -9.22
N PRO B 127 -19.56 0.83 -9.54
CA PRO B 127 -19.40 -0.64 -9.45
C PRO B 127 -18.34 -1.26 -10.38
N GLU B 128 -18.06 -0.57 -11.49
CA GLU B 128 -16.98 -0.95 -12.41
C GLU B 128 -15.55 -0.98 -11.82
N ASN B 129 -15.33 -0.26 -10.71
CA ASN B 129 -14.02 -0.14 -10.08
C ASN B 129 -13.82 -1.05 -8.87
N LEU B 130 -14.71 -2.03 -8.71
CA LEU B 130 -14.50 -3.04 -7.69
C LEU B 130 -13.31 -3.91 -8.11
N ASP B 131 -12.49 -4.27 -7.14
CA ASP B 131 -11.61 -5.40 -7.29
C ASP B 131 -12.57 -6.60 -7.10
N MET B 132 -12.96 -7.24 -8.21
CA MET B 132 -14.03 -8.23 -8.18
C MET B 132 -13.61 -9.53 -7.44
N GLU B 133 -12.36 -9.96 -7.59
CA GLU B 133 -11.87 -11.13 -6.85
C GLU B 133 -12.01 -10.88 -5.36
N ARG B 134 -11.60 -9.72 -4.89
CA ARG B 134 -11.68 -9.45 -3.45
C ARG B 134 -13.12 -9.20 -3.02
N TYR B 135 -13.92 -8.61 -3.91
CA TYR B 135 -15.31 -8.33 -3.58
C TYR B 135 -16.08 -9.65 -3.47
N LEU B 136 -15.90 -10.55 -4.42
CA LEU B 136 -16.56 -11.87 -4.37
C LEU B 136 -16.12 -12.69 -3.15
N GLY B 137 -14.85 -12.54 -2.76
CA GLY B 137 -14.31 -13.25 -1.60
C GLY B 137 -14.97 -12.77 -0.33
N LEU B 138 -15.27 -11.47 -0.29
CA LEU B 138 -16.00 -10.86 0.82
C LEU B 138 -17.47 -11.33 0.88
N LEU B 139 -18.14 -11.34 -0.26
CA LEU B 139 -19.49 -11.89 -0.34
C LEU B 139 -19.51 -13.35 0.15
N GLU B 140 -18.58 -14.16 -0.35
CA GLU B 140 -18.55 -15.58 0.03
C GLU B 140 -18.32 -15.75 1.55
N TYR B 141 -17.33 -15.04 2.08
CA TYR B 141 -17.07 -15.11 3.50
C TYR B 141 -18.29 -14.64 4.33
N SER B 142 -19.02 -13.63 3.87
CA SER B 142 -20.22 -13.12 4.55
C SER B 142 -21.44 -14.06 4.44
N SER B 143 -21.42 -14.96 3.47
CA SER B 143 -22.44 -16.00 3.36
C SER B 143 -22.30 -17.07 4.43
N ARG B 144 -21.12 -17.18 5.03
CA ARG B 144 -20.83 -18.21 6.03
C ARG B 144 -21.39 -17.81 7.38
N PRO B 145 -22.37 -18.56 7.89
CA PRO B 145 -23.00 -18.20 9.16
C PRO B 145 -21.98 -18.10 10.30
N GLY B 146 -22.13 -17.11 11.17
CA GLY B 146 -21.23 -16.90 12.29
C GLY B 146 -20.92 -18.10 13.16
N SER B 147 -21.94 -18.91 13.46
CA SER B 147 -21.73 -20.07 14.33
C SER B 147 -20.72 -21.03 13.74
N SER B 148 -20.81 -21.22 12.44
CA SER B 148 -19.96 -22.19 11.77
C SER B 148 -18.51 -21.69 11.73
N LEU B 149 -18.32 -20.37 11.64
CA LEU B 149 -16.98 -19.77 11.70
C LEU B 149 -16.34 -20.04 13.04
N LEU B 150 -17.08 -19.82 14.12
CA LEU B 150 -16.60 -20.13 15.48
C LEU B 150 -16.24 -21.61 15.64
N ALA B 151 -17.11 -22.48 15.17
CA ALA B 151 -16.90 -23.92 15.32
C ALA B 151 -15.69 -24.44 14.52
N ALA B 152 -15.26 -23.69 13.52
CA ALA B 152 -14.12 -24.08 12.68
C ALA B 152 -12.75 -23.81 13.32
N VAL B 153 -12.70 -23.01 14.37
CA VAL B 153 -11.43 -22.71 15.01
C VAL B 153 -11.01 -23.98 15.80
N PRO B 154 -9.82 -24.51 15.60
CA PRO B 154 -9.40 -25.66 16.41
C PRO B 154 -9.39 -25.35 17.92
N PRO B 155 -9.61 -26.36 18.74
CA PRO B 155 -9.61 -26.16 20.20
C PRO B 155 -8.25 -25.72 20.77
N THR B 156 -7.14 -25.92 20.07
CA THR B 156 -5.82 -25.42 20.53
C THR B 156 -5.47 -23.98 20.14
N GLU B 157 -6.44 -23.27 19.56
CA GLU B 157 -6.32 -21.86 19.30
C GLU B 157 -7.42 -21.12 20.02
N LYS B 158 -7.06 -20.09 20.76
CA LYS B 158 -8.01 -19.24 21.47
C LYS B 158 -8.94 -18.49 20.49
N ARG B 159 -10.23 -18.54 20.80
CA ARG B 159 -11.26 -17.88 20.02
C ARG B 159 -11.53 -16.49 20.57
N PHE B 160 -11.27 -15.50 19.74
CA PHE B 160 -11.57 -14.11 20.05
C PHE B 160 -12.81 -13.78 19.27
N VAL B 161 -13.87 -13.36 19.96
CA VAL B 161 -15.16 -13.17 19.32
C VAL B 161 -15.65 -11.72 19.46
N LYS B 162 -16.05 -11.12 18.34
CA LYS B 162 -16.69 -9.81 18.35
C LYS B 162 -18.17 -9.97 18.03
N THR B 163 -19.02 -9.26 18.79
CA THR B 163 -20.45 -9.34 18.56
C THR B 163 -21.17 -8.05 18.97
N HIS B 164 -22.19 -7.71 18.20
CA HIS B 164 -23.17 -6.71 18.61
C HIS B 164 -24.47 -7.33 19.08
N LEU B 165 -24.53 -8.66 19.20
CA LEU B 165 -25.73 -9.32 19.69
C LEU B 165 -25.97 -9.01 21.18
N PRO B 166 -27.24 -8.82 21.56
CA PRO B 166 -27.60 -8.76 22.97
C PRO B 166 -27.46 -10.14 23.60
N LEU B 167 -27.27 -10.16 24.91
CA LEU B 167 -27.08 -11.43 25.64
C LEU B 167 -28.25 -12.40 25.44
N SER B 168 -29.46 -11.89 25.33
CA SER B 168 -30.65 -12.73 25.23
C SER B 168 -30.70 -13.55 23.93
N LEU B 169 -29.86 -13.21 22.94
CA LEU B 169 -29.80 -13.95 21.66
C LEU B 169 -28.69 -15.01 21.59
N MET B 170 -27.82 -15.00 22.60
CA MET B 170 -26.72 -15.93 22.75
C MET B 170 -27.05 -16.93 23.87
N PRO B 171 -26.24 -17.99 24.10
CA PRO B 171 -26.65 -19.02 25.06
C PRO B 171 -26.85 -18.41 26.42
N PRO B 172 -27.94 -18.75 27.07
CA PRO B 172 -28.14 -18.27 28.43
C PRO B 172 -27.06 -18.93 29.24
N ASN B 173 -26.58 -18.26 30.27
CA ASN B 173 -25.48 -18.81 31.07
C ASN B 173 -24.17 -18.95 30.29
N MET B 174 -24.01 -18.26 29.17
CA MET B 174 -22.70 -18.26 28.49
C MET B 174 -21.58 -17.75 29.42
N LEU B 175 -21.89 -16.82 30.32
CA LEU B 175 -20.86 -16.27 31.22
C LEU B 175 -20.37 -17.26 32.28
N ASP B 176 -21.05 -18.40 32.43
CA ASP B 176 -20.52 -19.51 33.25
C ASP B 176 -19.22 -20.05 32.60
N THR B 177 -19.12 -19.94 31.28
CA THR B 177 -17.99 -20.51 30.55
C THR B 177 -17.00 -19.49 30.01
N VAL B 178 -17.50 -18.48 29.31
CA VAL B 178 -16.67 -17.54 28.60
C VAL B 178 -16.53 -16.21 29.35
N LYS B 179 -15.46 -15.45 29.05
CA LYS B 179 -15.34 -14.06 29.48
C LYS B 179 -15.87 -13.08 28.42
N MET B 180 -16.47 -11.99 28.86
CA MET B 180 -16.97 -10.96 27.99
C MET B 180 -16.59 -9.57 28.51
N VAL B 181 -16.01 -8.76 27.65
CA VAL B 181 -16.00 -7.34 27.85
C VAL B 181 -17.07 -6.64 26.99
N TYR B 182 -17.98 -5.91 27.64
CA TYR B 182 -19.07 -5.21 26.98
C TYR B 182 -18.85 -3.71 27.09
N LEU B 183 -18.98 -3.01 25.97
CA LEU B 183 -18.86 -1.58 25.92
C LEU B 183 -20.22 -0.90 25.69
N ALA B 184 -20.47 0.12 26.52
CA ALA B 184 -21.60 1.04 26.38
C ALA B 184 -21.10 2.47 26.20
N ARG B 185 -21.89 3.28 25.51
CA ARG B 185 -21.52 4.66 25.24
C ARG B 185 -22.76 5.53 25.20
N ASP B 186 -22.62 6.81 25.48
CA ASP B 186 -23.73 7.74 25.37
C ASP B 186 -24.50 7.53 24.04
N PRO B 187 -25.77 7.20 24.10
CA PRO B 187 -26.50 6.82 22.88
C PRO B 187 -26.63 7.96 21.86
N ARG B 188 -26.55 9.22 22.28
CA ARG B 188 -26.54 10.36 21.36
C ARG B 188 -25.29 10.33 20.44
N ASP B 189 -24.12 10.09 21.04
CA ASP B 189 -22.91 9.88 20.28
C ASP B 189 -22.90 8.57 19.48
N VAL B 190 -23.58 7.54 20.00
CA VAL B 190 -23.66 6.26 19.29
C VAL B 190 -24.43 6.50 18.00
N ALA B 191 -25.48 7.31 18.10
CA ALA B 191 -26.36 7.65 16.98
C ALA B 191 -25.60 8.31 15.83
N VAL B 192 -24.85 9.35 16.16
CA VAL B 192 -24.01 10.11 15.22
C VAL B 192 -22.97 9.20 14.58
N SER B 193 -22.25 8.45 15.38
CA SER B 193 -21.32 7.50 14.84
C SER B 193 -22.01 6.49 13.90
N SER B 194 -23.12 5.95 14.34
CA SER B 194 -23.88 5.01 13.57
C SER B 194 -24.39 5.58 12.25
N PHE B 195 -24.74 6.86 12.21
CA PHE B 195 -25.22 7.50 10.98
C PHE B 195 -24.05 7.59 9.95
N HIS B 196 -22.88 8.01 10.42
CA HIS B 196 -21.68 8.16 9.57
C HIS B 196 -21.18 6.77 9.09
N HIS B 197 -21.38 5.74 9.91
CA HIS B 197 -20.99 4.38 9.58
C HIS B 197 -21.97 3.77 8.57
N ALA B 198 -23.23 4.15 8.67
CA ALA B 198 -24.19 3.70 7.68
C ALA B 198 -23.81 4.31 6.32
N ARG B 199 -23.55 5.60 6.30
CA ARG B 199 -23.02 6.28 5.11
C ARG B 199 -21.77 5.58 4.58
N LEU B 200 -20.88 5.20 5.49
CA LEU B 200 -19.60 4.57 5.19
C LEU B 200 -19.77 3.33 4.33
N LEU B 201 -20.73 2.49 4.68
CA LEU B 201 -21.01 1.28 3.93
C LEU B 201 -22.15 1.40 2.92
N TYR B 202 -22.55 2.64 2.59
CA TYR B 202 -23.64 2.88 1.67
C TYR B 202 -25.00 2.30 2.08
N LEU B 203 -25.27 2.24 3.39
CA LEU B 203 -26.54 1.72 3.87
C LEU B 203 -27.67 2.76 3.74
N LEU B 204 -27.34 4.03 3.91
CA LEU B 204 -28.34 5.09 3.90
C LEU B 204 -28.68 5.62 2.54
N ASN B 205 -29.93 6.03 2.37
CA ASN B 205 -30.36 6.83 1.24
C ASN B 205 -29.66 8.16 1.38
N LYS B 206 -28.94 8.58 0.36
CA LYS B 206 -28.17 9.84 0.40
C LYS B 206 -29.07 11.08 0.57
N GLN B 207 -30.36 10.94 0.30
CA GLN B 207 -31.32 12.04 0.49
C GLN B 207 -31.84 12.11 1.93
N SER B 208 -31.46 11.15 2.78
CA SER B 208 -31.81 11.15 4.20
C SER B 208 -30.77 11.92 5.03
N ASN B 209 -31.21 12.59 6.09
CA ASN B 209 -30.29 13.35 6.96
C ASN B 209 -30.12 12.68 8.34
N PHE B 210 -29.36 13.29 9.23
CA PHE B 210 -29.09 12.68 10.53
C PHE B 210 -30.35 12.58 11.39
N LYS B 211 -31.21 13.59 11.30
CA LYS B 211 -32.45 13.64 12.08
C LYS B 211 -33.34 12.44 11.78
N ASP B 212 -33.46 12.12 10.49
CA ASP B 212 -34.15 10.92 10.04
C ASP B 212 -33.51 9.68 10.65
N PHE B 213 -32.19 9.63 10.66
CA PHE B 213 -31.48 8.52 11.28
C PHE B 213 -31.83 8.46 12.78
N TRP B 214 -31.81 9.60 13.44
CA TRP B 214 -32.11 9.67 14.88
C TRP B 214 -33.52 9.18 15.16
N GLU B 215 -34.49 9.62 14.36
CA GLU B 215 -35.87 9.17 14.50
C GLU B 215 -35.93 7.66 14.55
N MET B 216 -35.30 7.02 13.58
CA MET B 216 -35.26 5.58 13.49
C MET B 216 -34.53 4.94 14.67
N PHE B 217 -33.37 5.51 15.00
CA PHE B 217 -32.52 4.94 16.02
C PHE B 217 -33.18 4.93 17.40
N HIS B 218 -33.69 6.10 17.82
CA HIS B 218 -34.22 6.23 19.17
C HIS B 218 -35.60 5.59 19.35
N ARG B 219 -36.30 5.28 18.25
CA ARG B 219 -37.55 4.52 18.28
C ARG B 219 -37.41 2.99 18.14
N GLY B 220 -36.19 2.49 18.14
CA GLY B 220 -35.94 1.04 18.12
C GLY B 220 -36.10 0.37 16.77
N LEU B 221 -35.67 1.06 15.71
CA LEU B 221 -35.87 0.63 14.34
C LEU B 221 -34.59 0.66 13.50
N TYR B 222 -33.45 0.77 14.16
CA TYR B 222 -32.18 0.56 13.48
C TYR B 222 -31.58 -0.74 14.03
N THR B 223 -30.52 -1.19 13.36
CA THR B 223 -29.88 -2.47 13.60
C THR B 223 -29.59 -2.76 15.07
N LEU B 224 -30.15 -3.87 15.55
CA LEU B 224 -29.88 -4.38 16.90
C LEU B 224 -30.32 -3.46 18.07
N THR B 225 -31.06 -2.38 17.80
CA THR B 225 -31.86 -1.74 18.87
C THR B 225 -33.13 -2.59 19.14
N PRO B 226 -33.94 -2.33 20.18
CA PRO B 226 -33.86 -1.17 21.08
C PRO B 226 -32.55 -1.05 21.90
N TYR B 227 -31.94 0.15 21.79
CA TYR B 227 -30.66 0.50 22.42
C TYR B 227 -30.56 0.18 23.90
N PHE B 228 -31.48 0.71 24.68
CA PHE B 228 -31.43 0.55 26.14
C PHE B 228 -31.64 -0.90 26.57
N GLU B 229 -32.47 -1.65 25.85
CA GLU B 229 -32.71 -3.05 26.20
C GLU B 229 -31.42 -3.84 26.07
N HIS B 230 -30.72 -3.63 24.97
CA HIS B 230 -29.37 -4.17 24.77
C HIS B 230 -28.36 -3.88 25.89
N VAL B 231 -28.29 -2.63 26.30
CA VAL B 231 -27.36 -2.23 27.36
C VAL B 231 -27.79 -2.76 28.74
N LYS B 232 -29.09 -2.72 29.02
CA LYS B 232 -29.61 -3.17 30.31
C LYS B 232 -29.36 -4.64 30.53
N GLU B 233 -29.42 -5.44 29.47
CA GLU B 233 -29.08 -6.86 29.60
C GLU B 233 -27.67 -7.07 30.14
N ALA B 234 -26.68 -6.44 29.52
CA ALA B 234 -25.29 -6.51 29.98
C ALA B 234 -25.07 -5.90 31.35
N TRP B 235 -25.73 -4.78 31.60
CA TRP B 235 -25.57 -4.04 32.86
C TRP B 235 -26.05 -4.91 34.05
N ALA B 236 -27.10 -5.71 33.83
CA ALA B 236 -27.64 -6.58 34.87
C ALA B 236 -26.62 -7.68 35.23
N LYS B 237 -25.70 -7.96 34.32
CA LYS B 237 -24.66 -8.96 34.56
C LYS B 237 -23.30 -8.39 35.05
N ARG B 238 -23.21 -7.12 35.41
CA ARG B 238 -21.89 -6.50 35.59
C ARG B 238 -21.09 -6.92 36.85
N HIS B 239 -21.75 -7.63 37.76
CA HIS B 239 -21.15 -8.14 38.98
C HIS B 239 -20.71 -9.63 38.82
N ASP B 240 -21.10 -10.26 37.71
CA ASP B 240 -20.59 -11.57 37.33
C ASP B 240 -19.07 -11.53 37.09
N PRO B 241 -18.28 -12.45 37.68
CA PRO B 241 -16.82 -12.42 37.50
C PRO B 241 -16.34 -12.49 36.04
N ASN B 242 -17.18 -12.94 35.11
CA ASN B 242 -16.82 -13.09 33.69
C ASN B 242 -17.45 -12.03 32.78
N MET B 243 -17.99 -10.97 33.36
CA MET B 243 -18.43 -9.79 32.61
C MET B 243 -17.66 -8.58 33.10
N LEU B 244 -17.01 -7.87 32.18
CA LEU B 244 -16.48 -6.54 32.44
C LEU B 244 -17.24 -5.47 31.63
N PHE B 245 -18.10 -4.73 32.30
CA PHE B 245 -18.91 -3.66 31.70
C PHE B 245 -18.10 -2.35 31.75
N LEU B 246 -17.74 -1.81 30.59
CA LEU B 246 -17.01 -0.52 30.53
C LEU B 246 -17.78 0.54 29.72
N PHE B 247 -17.48 1.81 30.00
CA PHE B 247 -18.03 2.94 29.25
C PHE B 247 -16.94 3.49 28.34
N TYR B 248 -17.33 3.80 27.09
CA TYR B 248 -16.43 4.42 26.10
C TYR B 248 -15.76 5.67 26.62
N GLU B 249 -16.55 6.50 27.33
CA GLU B 249 -16.11 7.78 27.85
C GLU B 249 -14.96 7.64 28.87
N ASP B 250 -14.96 6.54 29.58
CA ASP B 250 -13.84 6.22 30.47
C ASP B 250 -12.54 5.95 29.75
N TYR B 251 -12.57 5.47 28.52
CA TYR B 251 -11.36 5.39 27.69
C TYR B 251 -10.75 6.77 27.43
N LEU B 252 -11.60 7.79 27.25
CA LEU B 252 -11.14 9.14 26.99
C LEU B 252 -10.61 9.84 28.26
N LYS B 253 -11.31 9.64 29.38
CA LYS B 253 -10.97 10.24 30.67
C LYS B 253 -9.75 9.58 31.34
N ASP B 254 -9.69 8.25 31.27
CA ASP B 254 -8.68 7.51 32.03
C ASP B 254 -8.37 6.20 31.31
N LEU B 255 -7.65 6.33 30.20
CA LEU B 255 -7.37 5.19 29.37
C LEU B 255 -6.51 4.17 30.15
N PRO B 256 -5.44 4.61 30.82
CA PRO B 256 -4.65 3.72 31.69
C PRO B 256 -5.48 2.95 32.74
N GLY B 257 -6.47 3.59 33.36
CA GLY B 257 -7.30 2.93 34.37
C GLY B 257 -8.15 1.84 33.71
N SER B 258 -8.70 2.16 32.57
CA SER B 258 -9.48 1.17 31.82
C SER B 258 -8.63 -0.02 31.44
N ILE B 259 -7.44 0.22 30.90
CA ILE B 259 -6.52 -0.87 30.56
C ILE B 259 -6.20 -1.75 31.78
N ALA B 260 -5.96 -1.13 32.93
CA ALA B 260 -5.70 -1.91 34.14
C ALA B 260 -6.91 -2.82 34.52
N ARG B 261 -8.12 -2.31 34.31
CA ARG B 261 -9.33 -3.06 34.63
C ARG B 261 -9.45 -4.24 33.67
N ILE B 262 -9.13 -4.02 32.40
CA ILE B 262 -9.17 -5.09 31.42
C ILE B 262 -8.13 -6.17 31.73
N ALA B 263 -6.89 -5.78 32.00
CA ALA B 263 -5.82 -6.76 32.30
C ALA B 263 -6.12 -7.62 33.52
N ASP B 264 -6.59 -6.99 34.59
CA ASP B 264 -6.93 -7.74 35.80
C ASP B 264 -8.07 -8.73 35.50
N PHE B 265 -9.07 -8.28 34.76
CA PHE B 265 -10.23 -9.11 34.43
C PHE B 265 -9.79 -10.36 33.67
N LEU B 266 -8.80 -10.21 32.80
CA LEU B 266 -8.28 -11.29 32.00
C LEU B 266 -7.20 -12.16 32.71
N GLY B 267 -6.88 -11.86 33.98
CA GLY B 267 -5.91 -12.66 34.73
C GLY B 267 -4.42 -12.34 34.55
N LYS B 268 -4.12 -11.09 34.19
CA LYS B 268 -2.73 -10.64 34.01
C LYS B 268 -2.40 -9.50 34.99
N LYS B 269 -1.19 -9.48 35.50
CA LYS B 269 -0.77 -8.38 36.38
C LYS B 269 0.28 -7.54 35.65
N LEU B 270 -0.21 -6.51 34.98
CA LEU B 270 0.65 -5.63 34.21
C LEU B 270 1.31 -4.54 35.05
N SER B 271 2.50 -4.14 34.64
CA SER B 271 3.23 -3.04 35.28
C SER B 271 2.74 -1.68 34.76
N GLU B 272 3.11 -0.62 35.46
CA GLU B 272 2.87 0.74 34.98
C GLU B 272 3.41 0.92 33.54
N GLU B 273 4.65 0.47 33.31
CA GLU B 273 5.29 0.62 32.00
C GLU B 273 4.48 -0.07 30.87
N GLN B 274 3.92 -1.24 31.16
CA GLN B 274 3.19 -1.98 30.13
C GLN B 274 1.86 -1.32 29.78
N ILE B 275 1.14 -0.85 30.80
CA ILE B 275 -0.10 -0.12 30.64
C ILE B 275 0.11 1.14 29.82
N GLN B 276 1.22 1.86 30.05
CA GLN B 276 1.50 3.09 29.29
C GLN B 276 1.77 2.74 27.83
N ARG B 277 2.47 1.63 27.56
CA ARG B 277 2.74 1.21 26.19
C ARG B 277 1.44 0.92 25.42
N LEU B 278 0.52 0.17 26.05
CA LEU B 278 -0.80 -0.10 25.48
C LEU B 278 -1.60 1.16 25.26
N SER B 279 -1.48 2.09 26.20
CA SER B 279 -2.15 3.38 26.11
C SER B 279 -1.68 4.22 24.90
N GLU B 280 -0.35 4.28 24.70
CA GLU B 280 0.23 4.99 23.56
C GLU B 280 -0.22 4.35 22.23
N HIS B 281 -0.29 3.02 22.21
CA HIS B 281 -0.72 2.28 21.03
C HIS B 281 -2.16 2.63 20.64
N LEU B 282 -3.00 3.01 21.62
CA LEU B 282 -4.41 3.36 21.42
C LEU B 282 -4.68 4.87 21.27
N ASN B 283 -3.62 5.69 21.30
CA ASN B 283 -3.67 7.10 20.87
C ASN B 283 -4.49 7.14 19.57
N PHE B 284 -5.45 8.05 19.54
CA PHE B 284 -6.44 8.09 18.47
C PHE B 284 -5.80 8.18 17.08
N GLU B 285 -4.94 9.17 16.88
CA GLU B 285 -4.30 9.41 15.58
C GLU B 285 -3.45 8.25 15.08
N LYS B 286 -2.59 7.70 15.92
CA LYS B 286 -1.84 6.48 15.57
C LYS B 286 -2.81 5.33 15.18
N PHE B 287 -3.83 5.09 15.99
CA PHE B 287 -4.79 4.03 15.79
C PHE B 287 -5.66 4.24 14.50
N LYS B 288 -6.04 5.48 14.21
CA LYS B 288 -6.76 5.83 12.97
C LYS B 288 -5.92 5.53 11.73
N ASN B 289 -4.60 5.72 11.85
CA ASN B 289 -3.66 5.41 10.78
C ASN B 289 -3.07 3.99 10.89
N ASN B 290 -3.59 3.19 11.80
CA ASN B 290 -3.17 1.81 11.94
C ASN B 290 -3.99 0.93 10.96
N GLY B 291 -3.40 0.66 9.79
CA GLY B 291 -4.00 -0.17 8.77
C GLY B 291 -4.43 -1.57 9.19
N ALA B 292 -3.85 -2.10 10.25
CA ALA B 292 -4.33 -3.35 10.83
C ALA B 292 -5.74 -3.28 11.44
N VAL B 293 -6.20 -2.09 11.82
CA VAL B 293 -7.52 -1.93 12.47
C VAL B 293 -8.49 -0.88 11.87
N ASN B 294 -8.03 -0.04 10.94
CA ASN B 294 -8.86 1.09 10.45
C ASN B 294 -9.79 0.75 9.26
N MET B 295 -9.79 -0.52 8.86
CA MET B 295 -10.63 -1.02 7.75
C MET B 295 -10.38 -0.33 6.37
N GLU B 296 -9.23 0.33 6.21
CA GLU B 296 -8.94 1.00 4.94
C GLU B 296 -8.64 -0.02 3.83
N ASP B 297 -8.39 -1.28 4.21
CA ASP B 297 -8.23 -2.38 3.24
C ASP B 297 -9.50 -2.58 2.37
N TYR B 298 -10.64 -2.19 2.89
CA TYR B 298 -11.90 -2.32 2.19
C TYR B 298 -12.10 -1.21 1.16
N ARG B 299 -11.48 -0.04 1.38
CA ARG B 299 -11.48 1.02 0.38
C ARG B 299 -10.80 0.60 -0.92
N GLU B 300 -9.78 -0.25 -0.80
CA GLU B 300 -9.09 -0.83 -1.97
C GLU B 300 -10.08 -1.73 -2.73
N ILE B 301 -10.93 -2.44 -2.02
CA ILE B 301 -11.97 -3.25 -2.66
C ILE B 301 -12.97 -2.38 -3.44
N GLY B 302 -13.29 -1.18 -2.93
CA GLY B 302 -14.17 -0.23 -3.60
C GLY B 302 -15.59 -0.14 -3.00
N ILE B 303 -15.72 -0.41 -1.71
CA ILE B 303 -17.02 -0.51 -1.06
C ILE B 303 -17.20 0.47 0.11
N LEU B 304 -16.27 1.40 0.29
CA LEU B 304 -16.38 2.42 1.32
C LEU B 304 -16.63 3.80 0.70
N ALA B 305 -17.53 4.57 1.31
CA ALA B 305 -17.91 5.86 0.76
C ALA B 305 -16.81 6.88 0.97
N ASP B 306 -16.61 7.75 -0.02
CA ASP B 306 -15.69 8.88 0.11
C ASP B 306 -16.13 9.74 1.30
N GLY B 307 -15.18 10.29 2.02
CA GLY B 307 -15.48 11.15 3.14
C GLY B 307 -16.04 10.46 4.40
N GLU B 308 -15.87 9.14 4.52
CA GLU B 308 -16.20 8.44 5.75
C GLU B 308 -15.01 7.57 6.10
N HIS B 309 -14.85 7.31 7.39
CA HIS B 309 -13.78 6.48 7.88
C HIS B 309 -14.33 5.67 9.06
N PHE B 310 -13.89 4.41 9.15
CA PHE B 310 -14.26 3.55 10.25
C PHE B 310 -13.75 4.08 11.60
N ILE B 311 -12.54 4.65 11.62
CA ILE B 311 -12.04 5.38 12.78
C ILE B 311 -12.21 6.87 12.44
N ARG B 312 -13.10 7.57 13.14
CA ARG B 312 -13.57 8.86 12.66
C ARG B 312 -13.03 10.09 13.41
N LYS B 313 -13.55 10.36 14.61
CA LYS B 313 -13.18 11.54 15.41
C LYS B 313 -12.72 11.19 16.83
N GLY B 314 -13.42 10.27 17.48
CA GLY B 314 -13.01 9.77 18.79
C GLY B 314 -13.26 10.73 19.95
N LYS B 315 -14.36 11.48 19.89
CA LYS B 315 -14.71 12.40 20.97
C LYS B 315 -15.98 11.96 21.68
N ALA B 316 -16.17 12.46 22.90
CA ALA B 316 -17.48 12.41 23.56
C ALA B 316 -18.10 13.81 23.57
N GLY B 317 -19.42 13.87 23.38
CA GLY B 317 -20.21 15.09 23.62
C GLY B 317 -20.41 15.89 22.34
N CYS B 318 -19.87 15.41 21.21
CA CYS B 318 -19.99 16.13 19.95
C CYS B 318 -21.35 15.88 19.25
N TRP B 319 -22.22 15.05 19.85
CA TRP B 319 -23.64 14.98 19.45
C TRP B 319 -24.31 16.35 19.49
N ARG B 320 -23.82 17.26 20.34
CA ARG B 320 -24.39 18.63 20.38
C ARG B 320 -24.31 19.38 19.05
N ASP B 321 -23.38 18.97 18.17
CA ASP B 321 -23.25 19.59 16.85
C ASP B 321 -24.26 19.10 15.84
N TYR B 322 -24.99 18.01 16.16
CA TYR B 322 -25.97 17.37 15.28
C TYR B 322 -27.44 17.55 15.73
N PHE B 323 -27.66 17.95 16.97
CA PHE B 323 -29.01 17.96 17.57
C PHE B 323 -29.51 19.38 17.68
N ASP B 324 -30.70 19.65 17.15
CA ASP B 324 -31.33 20.94 17.37
C ASP B 324 -32.08 20.89 18.72
N GLU B 325 -32.72 21.98 19.06
CA GLU B 325 -33.20 22.13 20.43
C GLU B 325 -34.29 21.07 20.68
N GLU B 326 -35.14 20.80 19.70
CA GLU B 326 -36.23 19.83 19.84
C GLU B 326 -35.74 18.39 19.95
N MET B 327 -34.82 17.97 19.05
CA MET B 327 -34.20 16.66 19.12
C MET B 327 -33.56 16.50 20.48
N THR B 328 -32.89 17.55 20.96
CA THR B 328 -32.18 17.53 22.24
C THR B 328 -33.09 17.14 23.42
N LYS B 329 -34.28 17.72 23.47
CA LYS B 329 -35.27 17.44 24.53
C LYS B 329 -35.94 16.09 24.34
N GLN B 330 -36.07 15.69 23.09
CA GLN B 330 -36.59 14.37 22.77
C GLN B 330 -35.60 13.31 23.26
N ALA B 331 -34.31 13.61 23.14
CA ALA B 331 -33.27 12.72 23.64
C ALA B 331 -33.27 12.68 25.16
N GLU B 332 -33.40 13.82 25.80
CA GLU B 332 -33.50 13.92 27.27
C GLU B 332 -34.66 13.11 27.81
N LYS B 333 -35.85 13.28 27.23
CA LYS B 333 -37.01 12.47 27.60
C LYS B 333 -36.81 10.96 27.41
N TRP B 334 -36.06 10.58 26.39
CA TRP B 334 -35.89 9.18 26.03
C TRP B 334 -34.93 8.51 26.98
N ILE B 335 -33.80 9.17 27.25
CA ILE B 335 -32.84 8.69 28.22
C ILE B 335 -33.47 8.68 29.62
N LYS B 336 -34.13 9.77 30.02
CA LYS B 336 -34.80 9.84 31.31
C LYS B 336 -35.79 8.69 31.51
N ASP B 337 -36.68 8.47 30.55
CA ASP B 337 -37.68 7.41 30.63
C ASP B 337 -37.04 6.04 30.81
N ASN B 338 -35.89 5.84 30.17
CA ASN B 338 -35.19 4.57 30.19
C ASN B 338 -34.23 4.35 31.40
N LEU B 339 -33.84 5.43 32.06
CA LEU B 339 -32.94 5.32 33.20
C LEU B 339 -33.73 5.37 34.50
N LYS B 340 -35.04 5.57 34.38
CA LYS B 340 -35.91 5.66 35.53
C LYS B 340 -36.06 4.28 36.13
N ASP B 341 -35.96 4.21 37.45
CA ASP B 341 -36.11 2.94 38.16
C ASP B 341 -35.02 1.89 37.81
N THR B 342 -33.87 2.35 37.34
CA THR B 342 -32.67 1.54 37.17
C THR B 342 -31.49 2.34 37.74
N ASP B 343 -30.42 1.63 38.11
CA ASP B 343 -29.21 2.28 38.60
C ASP B 343 -28.18 2.55 37.50
N LEU B 344 -28.51 2.17 36.25
CA LEU B 344 -27.61 2.47 35.12
C LEU B 344 -27.45 4.01 34.97
N ARG B 345 -26.20 4.47 35.04
CA ARG B 345 -25.83 5.87 34.79
C ARG B 345 -24.54 5.92 33.95
N TYR B 346 -24.42 6.96 33.10
CA TYR B 346 -23.31 7.19 32.17
C TYR B 346 -22.36 8.26 32.77
N PRO B 347 -21.04 8.15 32.56
CA PRO B 347 -20.05 9.05 33.19
C PRO B 347 -20.19 10.54 32.91
N ASN B 348 -20.45 10.86 31.65
CA ASN B 348 -20.37 12.25 31.17
C ASN B 348 -21.71 12.97 31.21
N MET B 349 -22.72 12.32 31.79
CA MET B 349 -24.12 12.70 31.57
C MET B 349 -24.61 13.55 32.73
HG HG C . 14.64 -17.07 -20.22
CA CA D . 22.75 7.37 10.10
O2 OXR E . 21.89 4.06 -0.69
C4 OXR E . 22.82 4.70 -1.13
C3 OXR E . 23.51 5.61 -0.17
C2 OXR E . 24.67 6.41 -0.73
C1 OXR E . 25.07 6.26 -2.21
C17 OXR E . 26.52 5.78 -2.25
C16 OXR E . 24.91 7.63 -2.90
C5 OXR E . 23.23 4.58 -2.54
C18 OXR E . 22.42 3.62 -3.33
C6 OXR E . 24.26 5.29 -3.05
C7 OXR E . 24.76 5.24 -4.46
C8 OXR E . 24.21 4.65 -5.51
C9 OXR E . 24.84 4.68 -6.87
C19 OXR E . 26.16 5.35 -7.20
C10 OXR E . 24.16 4.01 -7.80
C11 OXR E . 24.60 3.86 -9.17
C12 OXR E . 23.87 3.04 -9.92
C13 OXR E . 24.20 2.77 -11.33
C20 OXR E . 25.53 3.18 -11.90
C14 OXR E . 23.29 2.13 -12.08
C15 OXR E . 23.52 1.80 -13.56
O1 OXR E . 23.38 2.95 -14.41
HG HG F . -17.40 17.67 21.54
CA CA G . -25.49 -5.81 -9.97
P1 A3P H . 19.89 -8.74 -16.39
O1P A3P H . 19.49 -8.15 -15.03
O2P A3P H . 20.95 -9.87 -16.11
O3P A3P H . 18.54 -9.18 -17.08
P2 A3P H . 22.69 -1.91 -17.89
O4P A3P H . 24.23 -1.97 -18.13
O5P A3P H . 22.01 -0.83 -18.78
O6P A3P H . 22.41 -1.64 -16.38
O5' A3P H . 22.12 -3.35 -18.33
C5' A3P H . 22.03 -4.38 -17.36
C4' A3P H . 21.63 -5.72 -17.97
O4' A3P H . 22.56 -6.09 -18.98
C3' A3P H . 21.73 -6.75 -16.87
O3' A3P H . 20.70 -7.68 -17.31
C2' A3P H . 22.98 -7.52 -17.10
O2' A3P H . 23.11 -8.81 -16.55
C1' A3P H . 23.23 -7.30 -18.57
N9 A3P H . 24.58 -7.46 -19.05
C8 A3P H . 25.68 -6.80 -18.63
N7 A3P H . 26.77 -7.21 -19.34
C5 A3P H . 26.36 -8.14 -20.19
C6 A3P H . 26.94 -9.01 -21.23
N6 A3P H . 28.26 -8.89 -21.41
N1 A3P H . 26.15 -9.84 -21.94
C2 A3P H . 24.81 -9.95 -21.73
N3 A3P H . 24.17 -9.21 -20.82
C4 A3P H . 24.95 -8.28 -20.01
P1 A3P I . -16.75 8.22 16.50
O1P A3P I . -17.59 7.94 15.20
O2P A3P I . -15.41 8.92 16.06
O3P A3P I . -17.50 9.20 17.45
P2 A3P I . -16.62 0.71 17.38
O4P A3P I . -15.18 0.07 17.34
O5P A3P I . -17.53 -0.07 18.37
O6P A3P I . -17.32 0.63 15.99
O5' A3P I . -16.56 2.24 17.91
C5' A3P I . -16.48 3.31 16.99
C4' A3P I . -16.11 4.65 17.61
O4' A3P I . -14.91 4.57 18.38
C3' A3P I . -15.83 5.62 16.49
O3' A3P I . -16.38 6.78 17.15
C2' A3P I . -14.35 5.87 16.43
O2' A3P I . -13.86 7.12 15.95
C1' A3P I . -13.91 5.42 17.80
N9 A3P I . -12.53 4.99 18.00
C8 A3P I . -11.84 4.02 17.41
N7 A3P I . -10.59 3.90 17.91
C5 A3P I . -10.45 4.82 18.84
C6 A3P I . -9.40 5.32 19.78
N6 A3P I . -8.20 4.71 19.75
N1 A3P I . -9.71 6.34 20.63
C2 A3P I . -10.91 6.94 20.65
N3 A3P I . -11.93 6.57 19.83
C4 A3P I . -11.70 5.50 18.91
O2 OXR J . -23.23 -3.60 0.87
C4 OXR J . -22.51 -4.56 1.09
C3 OXR J . -22.49 -5.61 0.03
C2 OXR J . -21.59 -6.80 0.31
C1 OXR J . -20.78 -6.88 1.61
C17 OXR J . -19.30 -6.93 1.25
C16 OXR J . -21.19 -8.16 2.36
C5 OXR J . -21.73 -4.66 2.33
C18 OXR J . -21.89 -3.49 3.27
C6 OXR J . -20.93 -5.72 2.60
C7 OXR J . -20.09 -5.94 3.83
C8 OXR J . -20.08 -5.22 4.94
C9 OXR J . -19.21 -5.52 6.09
C19 OXR J . -18.19 -6.64 6.06
C10 OXR J . -19.38 -4.68 7.12
C11 OXR J . -18.69 -4.69 8.40
C12 OXR J . -19.08 -3.74 9.26
C13 OXR J . -18.54 -3.65 10.62
C20 OXR J . -17.26 -4.39 10.97
C14 OXR J . -19.29 -2.92 11.50
C15 OXR J . -19.02 -2.67 12.98
O1 OXR J . -18.61 -3.79 13.74
#